data_1SKW
#
_entry.id   1SKW
#
_cell.length_a   104.718
_cell.length_b   211.493
_cell.length_c   52.187
_cell.angle_alpha   90.00
_cell.angle_beta   90.00
_cell.angle_gamma   90.00
#
_symmetry.space_group_name_H-M   'P 21 21 2'
#
loop_
_entity.id
_entity.type
_entity.pdbx_description
1 polymer "5'-D(*CP*GP*AP*AP*AP*AP*CP*GP*AP*C*GP*GP*CP*CP*AP*GP*TP*GP*CP*CP*(2DT))-3'"
2 polymer "5'-D(*CP*CP*CP*(TTD)P*AP*GP*GP*CP*AP*CP*TP*GP*GP*CP*CP*GP*TP*CP*GP*TP*TP*TP*TP*CP*G)-3'"
3 polymer 'DNA polymerase'
4 polymer 'thioredoxin 1'
5 non-polymer 'MAGNESIUM ION'
6 water water
#
loop_
_entity_poly.entity_id
_entity_poly.type
_entity_poly.pdbx_seq_one_letter_code
_entity_poly.pdbx_strand_id
1 'polydeoxyribonucleotide'
;(DC)(DG)(DA)(DA)(DA)(DA)(DC)(DG)(DA)(DC)(DG)(DG)(DC)(DC)(DA)(DG)(DT)(DG)(DC)(DC)
(2DT)
;
P
2 'polydeoxyribonucleotide'
;(DC)(DC)(DC)(TTD)(DA)(DG)(DG)(DC)(DA)(DC)(DT)(DG)(DG)(DC)(DC)(DG)(DT)(DC)(DG)
(DT)(DT)(DT)(DT)(DC)(DG)
;
T
3 'polypeptide(L)'
;MIVSDIEANALLESVTKFHCGVIYDYSTAEYVSYRPSDFGAYLDALEAEVARGGLIVFHNGHKYDVPALTKLAKLQLNRE
FHLPRENCIDTLVLSRLIHSNLKDTDMGLLRSGKLPGALEAWGYRLGEMKGEYKDDFKRMLEEQGEEYVDGMEWWNFNEE
MMDYNVQDVVVTKALLEKLLSDKHYFPPEIDFTDVGYTTFWSESLEAVDIEHRAAWLLAKQERNGFPFDTKAIEELYVEL
AARRSELLRKLTETFGSWYQPKGGTEMFCHPRTGKPLPKYPRIKTPKVGGIFKKPKNKAQREGREPCELDTREYVAGAPY
TPVEHVVFNPSSRDHIQKKLQEAGWVPTKYTDKGAPVVDDEVLEGVRVDDPEKQAAIDLIKEYLMIQKRIGQSAEGDKAW
LRYVAEDGKIHGSVNPNGAVTGRATHAFPNLAQIPGVRSPYGEQCRAAFGAEHHLDGITGKPWVQAGIDASGLELRCLAH
FMARFDNGEYAHEILNGDIHTKNQIAAELPTRDNAKTFIYGFLYGAGDEKIGQIVGAGKERGKELKKKFLENTPAIAALR
ESIQQTLVESSQWVAGEQQVKWKRRWIKGLDGRKVHVRSPHAALNTLLQSAGALICKLWIIKTEEMLVEKGLKHGWDGDF
AYMAWVHDEIQVGCRTEEIAQVVIETAQEAMRWVGDHWNFRCLLDTEGKMGPNWAICH
;
A
4 'polypeptide(L)'
;SDKIIHLTDDSFDTDVLKADGAILVDFWAEWCGPCKMIAPILDEIADEYQGKLTVAKLNIDQNPGTAPKYGIRGIPTLLL
FKNGEVAATKVGALSKGQLKEFLDANLA
;
B
#
# COMPACT_ATOMS: atom_id res chain seq x y z
N MET C 1 12.04 -22.30 -32.11
CA MET C 1 11.81 -21.27 -31.05
C MET C 1 12.44 -19.95 -31.46
N ILE C 2 11.70 -18.86 -31.24
CA ILE C 2 12.19 -17.53 -31.55
C ILE C 2 11.98 -16.66 -30.31
N VAL C 3 12.77 -15.61 -30.21
CA VAL C 3 12.72 -14.69 -29.09
C VAL C 3 12.39 -13.34 -29.70
N SER C 4 11.39 -12.66 -29.15
CA SER C 4 10.99 -11.38 -29.72
C SER C 4 10.61 -10.29 -28.73
N ASP C 5 10.41 -9.09 -29.25
CA ASP C 5 10.03 -7.93 -28.46
C ASP C 5 9.64 -6.81 -29.41
N ILE C 6 8.74 -5.94 -28.98
CA ILE C 6 8.34 -4.84 -29.82
C ILE C 6 8.39 -3.53 -29.06
N GLU C 7 8.35 -2.44 -29.81
CA GLU C 7 8.33 -1.11 -29.23
C GLU C 7 7.08 -0.51 -29.87
N ALA C 8 6.22 0.11 -29.06
CA ALA C 8 5.01 0.73 -29.57
C ALA C 8 4.88 2.11 -28.93
N ASN C 9 3.84 2.85 -29.30
CA ASN C 9 3.69 4.23 -28.80
C ASN C 9 2.98 4.48 -27.48
N ALA C 10 2.61 3.43 -26.76
CA ALA C 10 1.94 3.62 -25.47
C ALA C 10 1.67 2.30 -24.76
N LEU C 11 1.07 2.37 -23.58
CA LEU C 11 0.71 1.18 -22.81
C LEU C 11 -0.48 0.54 -23.52
N LEU C 12 -0.72 -0.74 -23.27
CA LEU C 12 -1.81 -1.48 -23.91
C LEU C 12 -3.11 -0.69 -24.05
N GLU C 13 -3.52 -0.06 -22.96
CA GLU C 13 -4.74 0.72 -22.91
C GLU C 13 -4.95 1.68 -24.09
N SER C 14 -3.90 2.37 -24.52
CA SER C 14 -4.05 3.33 -25.61
C SER C 14 -3.11 3.19 -26.81
N VAL C 15 -2.40 2.08 -26.91
CA VAL C 15 -1.45 1.89 -28.00
C VAL C 15 -2.15 1.95 -29.37
N THR C 16 -1.55 2.66 -30.32
CA THR C 16 -2.14 2.78 -31.67
C THR C 16 -1.12 2.59 -32.79
N LYS C 17 0.17 2.69 -32.46
CA LYS C 17 1.18 2.53 -33.49
C LYS C 17 2.29 1.57 -33.14
N PHE C 18 2.60 0.67 -34.07
CA PHE C 18 3.68 -0.28 -33.91
C PHE C 18 4.92 0.47 -34.40
N HIS C 19 5.92 0.64 -33.54
CA HIS C 19 7.13 1.33 -33.98
C HIS C 19 8.10 0.34 -34.61
N CYS C 20 8.45 -0.73 -33.89
CA CYS C 20 9.36 -1.71 -34.43
C CYS C 20 9.38 -2.99 -33.62
N GLY C 21 10.03 -4.00 -34.17
CA GLY C 21 10.12 -5.28 -33.50
C GLY C 21 11.40 -6.00 -33.90
N VAL C 22 11.84 -6.92 -33.06
CA VAL C 22 13.04 -7.69 -33.36
C VAL C 22 12.77 -9.16 -33.11
N ILE C 23 13.38 -10.01 -33.93
CA ILE C 23 13.20 -11.44 -33.78
C ILE C 23 14.53 -12.19 -33.87
N TYR C 24 14.76 -13.08 -32.91
CA TYR C 24 15.94 -13.92 -32.91
C TYR C 24 15.37 -15.31 -33.12
N ASP C 25 15.91 -16.04 -34.09
CA ASP C 25 15.43 -17.38 -34.39
C ASP C 25 16.53 -18.38 -34.04
N TYR C 26 16.26 -19.33 -33.17
CA TYR C 26 17.27 -20.32 -32.80
C TYR C 26 17.70 -21.19 -33.97
N SER C 27 16.77 -21.45 -34.89
CA SER C 27 17.06 -22.28 -36.04
C SER C 27 18.00 -21.63 -37.08
N THR C 28 18.21 -20.31 -36.97
CA THR C 28 19.08 -19.60 -37.92
C THR C 28 20.16 -18.81 -37.19
N ALA C 29 19.96 -18.60 -35.89
CA ALA C 29 20.90 -17.86 -35.06
C ALA C 29 21.04 -16.41 -35.47
N GLU C 30 20.04 -15.86 -36.16
CA GLU C 30 20.12 -14.46 -36.56
C GLU C 30 19.04 -13.54 -36.02
N TYR C 31 19.42 -12.27 -35.83
CA TYR C 31 18.51 -11.24 -35.36
C TYR C 31 17.99 -10.49 -36.57
N VAL C 32 16.67 -10.31 -36.63
CA VAL C 32 16.07 -9.57 -37.74
C VAL C 32 15.27 -8.40 -37.18
N SER C 33 15.54 -7.21 -37.72
CA SER C 33 14.87 -6.02 -37.27
C SER C 33 13.71 -5.67 -38.20
N TYR C 34 12.62 -5.22 -37.62
CA TYR C 34 11.45 -4.83 -38.40
C TYR C 34 11.10 -3.41 -38.05
N ARG C 35 11.09 -2.55 -39.05
CA ARG C 35 10.78 -1.14 -38.82
C ARG C 35 9.28 -0.88 -38.99
N PRO C 36 8.83 0.37 -38.76
CA PRO C 36 7.40 0.70 -38.89
C PRO C 36 6.66 0.10 -40.09
N SER C 37 7.27 0.15 -41.26
CA SER C 37 6.64 -0.37 -42.47
C SER C 37 6.74 -1.89 -42.66
N ASP C 38 7.43 -2.58 -41.76
CA ASP C 38 7.60 -4.03 -41.85
C ASP C 38 6.67 -4.76 -40.88
N PHE C 39 5.68 -4.05 -40.34
CA PHE C 39 4.76 -4.63 -39.37
C PHE C 39 4.06 -5.90 -39.85
N GLY C 40 3.55 -5.88 -41.08
CA GLY C 40 2.87 -7.06 -41.59
C GLY C 40 3.83 -8.25 -41.65
N ALA C 41 5.06 -8.00 -42.10
CA ALA C 41 6.07 -9.05 -42.19
C ALA C 41 6.42 -9.58 -40.80
N TYR C 42 6.47 -8.69 -39.82
CA TYR C 42 6.78 -9.08 -38.45
C TYR C 42 5.71 -10.08 -38.00
N LEU C 43 4.45 -9.71 -38.19
CA LEU C 43 3.34 -10.58 -37.82
C LEU C 43 3.42 -11.92 -38.59
N ASP C 44 3.73 -11.86 -39.88
CA ASP C 44 3.81 -13.10 -40.67
C ASP C 44 4.89 -14.01 -40.09
N ALA C 45 5.98 -13.41 -39.62
CA ALA C 45 7.06 -14.19 -39.03
C ALA C 45 6.60 -14.90 -37.75
N LEU C 46 5.79 -14.23 -36.93
CA LEU C 46 5.28 -14.82 -35.70
C LEU C 46 4.32 -15.98 -36.01
N GLU C 47 3.42 -15.77 -36.97
CA GLU C 47 2.49 -16.82 -37.32
C GLU C 47 3.18 -18.00 -38.01
N ALA C 48 4.32 -17.76 -38.63
CA ALA C 48 5.05 -18.84 -39.29
C ALA C 48 5.59 -19.78 -38.21
N GLU C 49 6.06 -19.20 -37.10
CA GLU C 49 6.57 -20.01 -35.99
C GLU C 49 5.40 -20.79 -35.39
N VAL C 50 4.21 -20.21 -35.37
CA VAL C 50 3.04 -20.91 -34.85
C VAL C 50 2.67 -22.08 -35.76
N ALA C 51 2.73 -21.86 -37.07
CA ALA C 51 2.42 -22.91 -38.04
C ALA C 51 3.34 -24.12 -37.90
N ARG C 52 4.58 -23.89 -37.47
CA ARG C 52 5.55 -24.98 -37.29
C ARG C 52 5.37 -25.70 -35.97
N GLY C 53 4.42 -25.26 -35.15
CA GLY C 53 4.25 -25.88 -33.85
C GLY C 53 5.39 -25.40 -32.97
N GLY C 54 5.85 -24.18 -33.23
CA GLY C 54 6.97 -23.61 -32.49
C GLY C 54 6.64 -22.84 -31.22
N LEU C 55 7.59 -22.02 -30.77
CA LEU C 55 7.42 -21.26 -29.56
C LEU C 55 7.93 -19.83 -29.72
N ILE C 56 7.28 -18.90 -29.02
CA ILE C 56 7.68 -17.50 -29.10
C ILE C 56 7.89 -16.98 -27.68
N VAL C 57 9.08 -16.45 -27.43
CA VAL C 57 9.44 -15.94 -26.13
C VAL C 57 9.46 -14.41 -26.11
N PHE C 58 8.72 -13.84 -25.17
CA PHE C 58 8.65 -12.40 -24.98
C PHE C 58 8.95 -12.23 -23.50
N HIS C 59 9.39 -11.05 -23.10
CA HIS C 59 9.57 -10.80 -21.67
C HIS C 59 8.33 -9.96 -21.40
N ASN C 60 7.43 -10.46 -20.56
CA ASN C 60 6.18 -9.76 -20.25
C ASN C 60 5.24 -9.71 -21.48
N GLY C 61 5.34 -10.71 -22.35
CA GLY C 61 4.50 -10.74 -23.53
C GLY C 61 3.05 -11.06 -23.23
N HIS C 62 2.84 -11.82 -22.16
CA HIS C 62 1.47 -12.18 -21.79
C HIS C 62 0.59 -10.99 -21.47
N LYS C 63 1.16 -9.98 -20.82
CA LYS C 63 0.36 -8.81 -20.47
C LYS C 63 0.43 -7.67 -21.48
N TYR C 64 1.51 -7.60 -22.23
CA TYR C 64 1.67 -6.53 -23.20
C TYR C 64 1.82 -6.89 -24.69
N ASP C 65 3.02 -7.31 -25.08
CA ASP C 65 3.28 -7.64 -26.50
C ASP C 65 2.21 -8.40 -27.27
N VAL C 66 1.73 -9.51 -26.70
CA VAL C 66 0.72 -10.33 -27.36
C VAL C 66 -0.62 -9.61 -27.53
N PRO C 67 -1.25 -9.17 -26.43
CA PRO C 67 -2.52 -8.47 -26.67
C PRO C 67 -2.29 -7.19 -27.48
N ALA C 68 -1.15 -6.55 -27.28
CA ALA C 68 -0.86 -5.34 -28.05
C ALA C 68 -0.79 -5.65 -29.55
N LEU C 69 -0.18 -6.77 -29.91
CA LEU C 69 -0.08 -7.13 -31.33
C LEU C 69 -1.48 -7.40 -31.92
N THR C 70 -2.35 -8.01 -31.14
CA THR C 70 -3.71 -8.28 -31.58
C THR C 70 -4.40 -6.95 -31.86
N LYS C 71 -4.24 -6.01 -30.93
CA LYS C 71 -4.84 -4.69 -31.06
C LYS C 71 -4.27 -3.88 -32.24
N LEU C 72 -2.94 -3.80 -32.34
CA LEU C 72 -2.32 -3.04 -33.41
C LEU C 72 -2.58 -3.64 -34.79
N ALA C 73 -2.66 -4.96 -34.87
CA ALA C 73 -2.90 -5.62 -36.15
C ALA C 73 -4.27 -5.17 -36.69
N LYS C 74 -5.27 -5.15 -35.83
CA LYS C 74 -6.61 -4.74 -36.22
C LYS C 74 -6.66 -3.25 -36.60
N LEU C 75 -6.10 -2.40 -35.75
CA LEU C 75 -6.09 -0.97 -36.00
C LEU C 75 -5.31 -0.54 -37.25
N GLN C 76 -4.05 -0.96 -37.32
CA GLN C 76 -3.19 -0.58 -38.43
C GLN C 76 -3.35 -1.33 -39.74
N LEU C 77 -3.71 -2.60 -39.68
CA LEU C 77 -3.82 -3.40 -40.89
C LEU C 77 -5.17 -4.05 -41.10
N ASN C 78 -6.09 -3.82 -40.18
CA ASN C 78 -7.40 -4.43 -40.27
C ASN C 78 -7.19 -5.94 -40.46
N ARG C 79 -6.33 -6.50 -39.62
CA ARG C 79 -6.03 -7.93 -39.68
C ARG C 79 -6.34 -8.59 -38.32
N GLU C 80 -6.83 -9.83 -38.37
CA GLU C 80 -7.12 -10.60 -37.16
C GLU C 80 -5.85 -11.39 -36.84
N PHE C 81 -5.29 -11.16 -35.67
CA PHE C 81 -4.05 -11.82 -35.26
C PHE C 81 -4.18 -12.24 -33.80
N HIS C 82 -4.10 -13.53 -33.54
CA HIS C 82 -4.23 -14.05 -32.18
C HIS C 82 -3.25 -15.17 -31.92
N LEU C 83 -2.12 -14.85 -31.28
CA LEU C 83 -1.15 -15.90 -30.95
C LEU C 83 -1.81 -16.80 -29.93
N PRO C 84 -1.78 -18.12 -30.16
CA PRO C 84 -2.39 -19.05 -29.19
C PRO C 84 -1.52 -19.14 -27.93
N ARG C 85 -2.18 -19.21 -26.78
CA ARG C 85 -1.52 -19.31 -25.48
C ARG C 85 -0.39 -20.37 -25.41
N GLU C 86 -0.69 -21.57 -25.92
CA GLU C 86 0.27 -22.67 -25.91
C GLU C 86 1.57 -22.42 -26.66
N ASN C 87 1.59 -21.44 -27.58
CA ASN C 87 2.82 -21.17 -28.32
C ASN C 87 3.65 -20.05 -27.71
N CYS C 88 3.21 -19.51 -26.58
CA CYS C 88 3.92 -18.39 -25.97
C CYS C 88 4.59 -18.64 -24.63
N ILE C 89 5.83 -18.18 -24.53
CA ILE C 89 6.59 -18.30 -23.29
C ILE C 89 6.86 -16.87 -22.83
N ASP C 90 6.94 -16.67 -21.52
CA ASP C 90 7.16 -15.33 -20.98
C ASP C 90 8.28 -15.41 -19.94
N THR C 91 9.43 -14.82 -20.23
CA THR C 91 10.54 -14.84 -19.29
C THR C 91 10.24 -14.10 -17.99
N LEU C 92 9.30 -13.17 -17.98
CA LEU C 92 9.00 -12.49 -16.73
C LEU C 92 8.25 -13.48 -15.84
N VAL C 93 7.31 -14.21 -16.45
CA VAL C 93 6.53 -15.22 -15.75
C VAL C 93 7.46 -16.30 -15.22
N LEU C 94 8.45 -16.70 -16.01
CA LEU C 94 9.41 -17.73 -15.59
C LEU C 94 10.27 -17.25 -14.41
N SER C 95 10.76 -16.02 -14.51
CA SER C 95 11.59 -15.44 -13.44
C SER C 95 10.86 -15.39 -12.12
N ARG C 96 9.61 -14.97 -12.15
CA ARG C 96 8.80 -14.87 -10.95
C ARG C 96 8.55 -16.22 -10.33
N LEU C 97 8.67 -17.28 -11.14
CA LEU C 97 8.47 -18.63 -10.66
C LEU C 97 9.77 -19.16 -10.06
N ILE C 98 10.84 -19.08 -10.84
CA ILE C 98 12.14 -19.58 -10.41
C ILE C 98 12.82 -18.72 -9.34
N HIS C 99 12.72 -17.40 -9.45
CA HIS C 99 13.31 -16.49 -8.47
C HIS C 99 12.20 -15.87 -7.61
N SER C 100 11.27 -16.73 -7.18
CA SER C 100 10.12 -16.31 -6.37
C SER C 100 10.49 -15.68 -5.04
N ASN C 101 11.76 -15.82 -4.68
CA ASN C 101 12.30 -15.27 -3.44
C ASN C 101 12.76 -13.84 -3.65
N LEU C 102 12.64 -13.35 -4.89
CA LEU C 102 13.06 -11.98 -5.21
C LEU C 102 11.91 -11.10 -5.69
N LYS C 103 12.09 -9.79 -5.52
CA LYS C 103 11.10 -8.81 -5.96
C LYS C 103 11.51 -8.42 -7.39
N ASP C 104 10.79 -7.45 -7.95
CA ASP C 104 11.10 -6.92 -9.27
C ASP C 104 10.29 -5.64 -9.38
N THR C 105 10.72 -4.74 -10.25
CA THR C 105 10.04 -3.46 -10.41
C THR C 105 8.72 -3.50 -11.18
N ASP C 106 8.24 -4.71 -11.47
CA ASP C 106 7.01 -4.88 -12.22
C ASP C 106 7.10 -4.05 -13.50
N MET C 107 8.18 -4.29 -14.23
CA MET C 107 8.48 -3.62 -15.49
C MET C 107 8.53 -2.10 -15.41
N GLY C 108 9.17 -1.58 -14.36
CA GLY C 108 9.30 -0.14 -14.22
C GLY C 108 8.19 0.62 -13.50
N LEU C 109 7.19 -0.08 -12.99
CA LEU C 109 6.11 0.60 -12.28
C LEU C 109 6.49 0.88 -10.83
N LEU C 110 7.49 0.17 -10.33
CA LEU C 110 7.95 0.35 -8.96
C LEU C 110 9.42 0.79 -9.01
N ARG C 111 9.80 1.70 -8.11
CA ARG C 111 11.17 2.18 -8.06
C ARG C 111 12.08 1.17 -7.36
N SER C 112 13.20 0.85 -8.00
CA SER C 112 14.15 -0.12 -7.47
C SER C 112 14.52 0.11 -6.01
N GLY C 113 14.90 1.35 -5.71
CA GLY C 113 15.29 1.70 -4.34
C GLY C 113 14.38 1.20 -3.24
N LYS C 114 13.07 1.27 -3.46
CA LYS C 114 12.08 0.83 -2.48
C LYS C 114 12.00 -0.69 -2.29
N LEU C 115 12.29 -1.44 -3.33
CA LEU C 115 12.22 -2.89 -3.24
C LEU C 115 13.28 -3.47 -2.30
N PRO C 116 12.87 -4.38 -1.41
CA PRO C 116 13.86 -4.97 -0.48
C PRO C 116 14.66 -6.06 -1.20
N GLY C 117 15.75 -6.50 -0.56
CA GLY C 117 16.58 -7.56 -1.15
C GLY C 117 17.24 -7.21 -2.48
N ALA C 118 17.79 -8.22 -3.13
CA ALA C 118 18.46 -8.03 -4.41
C ALA C 118 17.51 -8.25 -5.59
N LEU C 119 17.99 -7.91 -6.79
CA LEU C 119 17.20 -8.05 -8.01
C LEU C 119 18.02 -8.79 -9.06
N GLU C 120 17.39 -9.73 -9.75
CA GLU C 120 18.06 -10.49 -10.79
C GLU C 120 18.51 -9.45 -11.83
N ALA C 121 19.78 -9.50 -12.22
CA ALA C 121 20.36 -8.53 -13.14
C ALA C 121 19.68 -8.35 -14.51
N TRP C 122 19.47 -9.43 -15.23
CA TRP C 122 18.86 -9.33 -16.56
C TRP C 122 17.44 -8.79 -16.49
N GLY C 123 16.65 -9.28 -15.54
CA GLY C 123 15.30 -8.82 -15.39
C GLY C 123 15.29 -7.36 -14.99
N TYR C 124 16.32 -6.95 -14.26
CA TYR C 124 16.41 -5.56 -13.83
C TYR C 124 16.63 -4.65 -15.05
N ARG C 125 17.58 -5.03 -15.89
CA ARG C 125 17.88 -4.26 -17.10
C ARG C 125 16.64 -4.13 -18.00
N LEU C 126 15.88 -5.21 -18.11
CA LEU C 126 14.68 -5.20 -18.94
C LEU C 126 13.61 -4.25 -18.40
N GLY C 127 13.50 -4.16 -17.07
CA GLY C 127 12.51 -3.30 -16.46
C GLY C 127 12.89 -1.83 -16.41
N GLU C 128 14.18 -1.53 -16.59
CA GLU C 128 14.65 -0.16 -16.54
C GLU C 128 14.90 0.44 -17.93
N MET C 129 14.70 -0.35 -18.98
CA MET C 129 14.93 0.09 -20.34
C MET C 129 14.15 1.36 -20.72
N LYS C 130 12.87 1.41 -20.38
CA LYS C 130 12.06 2.58 -20.72
C LYS C 130 12.63 3.84 -20.09
N GLY C 131 13.00 3.76 -18.81
CA GLY C 131 13.57 4.91 -18.13
C GLY C 131 14.94 5.26 -18.66
N GLU C 132 15.69 4.25 -19.09
CA GLU C 132 17.02 4.47 -19.64
C GLU C 132 16.91 5.11 -21.02
N TYR C 133 16.01 4.58 -21.84
CA TYR C 133 15.80 5.11 -23.19
C TYR C 133 15.34 6.54 -23.03
N LYS C 134 14.49 6.79 -22.03
CA LYS C 134 13.99 8.12 -21.77
C LYS C 134 15.11 9.07 -21.40
N ASP C 135 15.97 8.64 -20.48
CA ASP C 135 17.09 9.49 -20.05
C ASP C 135 18.00 9.85 -21.22
N ASP C 136 18.22 8.89 -22.11
CA ASP C 136 19.08 9.13 -23.26
C ASP C 136 18.40 10.07 -24.26
N PHE C 137 17.09 9.91 -24.45
CA PHE C 137 16.34 10.74 -25.38
C PHE C 137 16.46 12.21 -24.95
N LYS C 138 16.23 12.47 -23.67
CA LYS C 138 16.32 13.83 -23.13
C LYS C 138 17.72 14.37 -23.38
N ARG C 139 18.71 13.59 -22.96
CA ARG C 139 20.11 13.97 -23.12
C ARG C 139 20.36 14.51 -24.50
N MET C 140 19.99 13.73 -25.52
CA MET C 140 20.17 14.15 -26.89
C MET C 140 19.38 15.43 -27.18
N LEU C 141 18.17 15.53 -26.62
CA LEU C 141 17.35 16.71 -26.82
C LEU C 141 17.99 17.96 -26.20
N GLU C 142 18.10 17.95 -24.87
CA GLU C 142 18.68 19.07 -24.13
C GLU C 142 20.18 19.17 -24.45
N GLU C 143 20.55 18.63 -25.60
CA GLU C 143 21.93 18.66 -26.08
C GLU C 143 21.91 19.47 -27.37
N GLN C 144 20.72 19.57 -27.96
CA GLN C 144 20.50 20.32 -29.19
C GLN C 144 19.61 21.52 -28.83
N GLY C 145 19.65 21.92 -27.55
CA GLY C 145 18.85 23.04 -27.10
C GLY C 145 17.39 22.86 -27.49
N GLU C 146 16.84 21.69 -27.18
CA GLU C 146 15.45 21.36 -27.52
C GLU C 146 14.71 20.86 -26.27
N GLU C 147 13.66 21.57 -25.88
CA GLU C 147 12.86 21.23 -24.70
C GLU C 147 12.23 19.83 -24.70
N TYR C 148 12.30 19.17 -23.55
CA TYR C 148 11.73 17.83 -23.40
C TYR C 148 10.28 17.92 -22.95
N VAL C 149 9.45 17.00 -23.45
CA VAL C 149 8.03 16.98 -23.10
C VAL C 149 7.62 15.63 -22.51
N ASP C 150 6.83 15.68 -21.44
CA ASP C 150 6.33 14.49 -20.73
C ASP C 150 6.94 13.18 -21.17
N GLY C 151 6.39 12.59 -22.23
CA GLY C 151 6.90 11.32 -22.73
C GLY C 151 6.94 11.25 -24.25
N MET C 152 7.60 12.22 -24.87
CA MET C 152 7.70 12.28 -26.32
C MET C 152 8.64 11.23 -26.91
N GLU C 153 9.39 10.54 -26.05
CA GLU C 153 10.32 9.51 -26.51
C GLU C 153 9.57 8.34 -27.16
N TRP C 154 8.28 8.22 -26.88
CA TRP C 154 7.50 7.13 -27.46
C TRP C 154 6.60 7.49 -28.62
N TRP C 155 6.56 8.78 -28.97
CA TRP C 155 5.70 9.25 -30.06
C TRP C 155 6.09 8.76 -31.44
N ASN C 156 7.38 8.86 -31.76
CA ASN C 156 7.87 8.46 -33.07
C ASN C 156 8.99 7.43 -33.02
N PHE C 157 9.10 6.65 -34.09
CA PHE C 157 10.15 5.66 -34.19
C PHE C 157 11.46 6.41 -34.47
N ASN C 158 12.58 5.80 -34.11
CA ASN C 158 13.90 6.37 -34.35
C ASN C 158 14.89 5.26 -34.08
N GLU C 159 16.11 5.38 -34.61
CA GLU C 159 17.13 4.35 -34.43
C GLU C 159 17.52 4.09 -32.98
N GLU C 160 17.45 5.11 -32.13
CA GLU C 160 17.79 4.91 -30.71
C GLU C 160 16.79 3.91 -30.12
N MET C 161 15.56 3.95 -30.62
CA MET C 161 14.50 3.05 -30.17
C MET C 161 14.75 1.64 -30.73
N MET C 162 15.16 1.59 -32.00
CA MET C 162 15.45 0.33 -32.67
C MET C 162 16.62 -0.39 -31.98
N ASP C 163 17.63 0.37 -31.58
CA ASP C 163 18.80 -0.22 -30.91
C ASP C 163 18.42 -0.81 -29.56
N TYR C 164 17.57 -0.10 -28.83
CA TYR C 164 17.12 -0.59 -27.53
C TYR C 164 16.28 -1.84 -27.73
N ASN C 165 15.49 -1.88 -28.79
CA ASN C 165 14.64 -3.04 -29.08
C ASN C 165 15.53 -4.27 -29.30
N VAL C 166 16.60 -4.08 -30.06
CA VAL C 166 17.54 -5.17 -30.34
C VAL C 166 18.19 -5.65 -29.05
N GLN C 167 18.57 -4.71 -28.20
CA GLN C 167 19.24 -5.04 -26.93
C GLN C 167 18.29 -5.79 -26.01
N ASP C 168 17.00 -5.49 -26.08
CA ASP C 168 16.01 -6.16 -25.26
C ASP C 168 15.95 -7.64 -25.63
N VAL C 169 16.04 -7.95 -26.92
CA VAL C 169 15.99 -9.33 -27.34
C VAL C 169 17.26 -10.10 -26.96
N VAL C 170 18.41 -9.42 -26.95
CA VAL C 170 19.65 -10.11 -26.56
C VAL C 170 19.58 -10.43 -25.06
N VAL C 171 19.11 -9.47 -24.26
CA VAL C 171 18.99 -9.67 -22.82
C VAL C 171 17.94 -10.73 -22.48
N THR C 172 16.81 -10.69 -23.18
CA THR C 172 15.71 -11.65 -22.98
C THR C 172 16.19 -13.04 -23.33
N LYS C 173 17.00 -13.15 -24.37
CA LYS C 173 17.55 -14.41 -24.81
C LYS C 173 18.47 -14.98 -23.71
N ALA C 174 19.27 -14.11 -23.12
CA ALA C 174 20.17 -14.51 -22.04
C ALA C 174 19.40 -14.90 -20.78
N LEU C 175 18.33 -14.16 -20.46
CA LEU C 175 17.55 -14.49 -19.27
C LEU C 175 16.95 -15.87 -19.46
N LEU C 176 16.40 -16.09 -20.66
CA LEU C 176 15.78 -17.36 -21.02
C LEU C 176 16.73 -18.52 -20.78
N GLU C 177 17.90 -18.49 -21.43
CA GLU C 177 18.88 -19.55 -21.28
C GLU C 177 19.25 -19.77 -19.81
N LYS C 178 19.39 -18.67 -19.08
CA LYS C 178 19.71 -18.74 -17.66
C LYS C 178 18.59 -19.47 -16.92
N LEU C 179 17.34 -19.13 -17.24
CA LEU C 179 16.18 -19.77 -16.62
C LEU C 179 16.09 -21.25 -17.00
N LEU C 180 16.33 -21.56 -18.26
CA LEU C 180 16.26 -22.95 -18.71
C LEU C 180 17.40 -23.81 -18.15
N SER C 181 18.45 -23.16 -17.64
CA SER C 181 19.57 -23.92 -17.07
C SER C 181 19.25 -24.42 -15.66
N ASP C 182 18.06 -24.11 -15.17
CA ASP C 182 17.66 -24.56 -13.83
C ASP C 182 17.06 -25.96 -13.91
N LYS C 183 17.89 -26.96 -13.61
CA LYS C 183 17.51 -28.37 -13.67
C LYS C 183 16.28 -28.78 -12.88
N HIS C 184 15.95 -28.08 -11.81
CA HIS C 184 14.76 -28.42 -11.03
C HIS C 184 13.49 -28.22 -11.87
N TYR C 185 13.47 -27.18 -12.68
CA TYR C 185 12.31 -26.91 -13.50
C TYR C 185 12.39 -27.47 -14.92
N PHE C 186 13.61 -27.64 -15.43
CA PHE C 186 13.80 -28.15 -16.79
C PHE C 186 14.83 -29.29 -16.84
N PRO C 187 14.37 -30.53 -17.10
CA PRO C 187 15.30 -31.67 -17.18
C PRO C 187 16.53 -31.37 -18.05
N PRO C 188 17.73 -31.62 -17.52
CA PRO C 188 19.01 -31.37 -18.23
C PRO C 188 19.19 -32.09 -19.57
N GLU C 189 18.61 -33.27 -19.71
CA GLU C 189 18.73 -34.04 -20.94
C GLU C 189 18.11 -33.38 -22.17
N ILE C 190 17.21 -32.43 -21.95
CA ILE C 190 16.52 -31.78 -23.07
C ILE C 190 16.94 -30.35 -23.38
N ASP C 191 17.20 -30.07 -24.65
CA ASP C 191 17.53 -28.71 -25.09
C ASP C 191 16.17 -28.05 -25.31
N PHE C 192 15.75 -27.23 -24.35
CA PHE C 192 14.44 -26.61 -24.49
C PHE C 192 14.31 -25.48 -25.52
N THR C 193 15.41 -25.11 -26.15
CA THR C 193 15.35 -24.07 -27.18
C THR C 193 15.26 -24.79 -28.52
N ASP C 194 15.08 -26.10 -28.48
CA ASP C 194 15.00 -26.88 -29.71
C ASP C 194 13.88 -27.93 -29.68
N VAL C 195 12.75 -27.58 -29.09
CA VAL C 195 11.63 -28.50 -29.03
C VAL C 195 10.34 -27.79 -29.43
N GLY C 196 9.32 -28.57 -29.75
CA GLY C 196 8.02 -28.01 -30.13
C GLY C 196 7.28 -27.59 -28.87
N TYR C 197 6.19 -26.85 -29.03
CA TYR C 197 5.44 -26.37 -27.87
C TYR C 197 4.87 -27.47 -26.98
N THR C 198 4.30 -28.51 -27.56
CA THR C 198 3.75 -29.57 -26.71
C THR C 198 4.85 -30.25 -25.88
N THR C 199 6.04 -30.43 -26.46
CA THR C 199 7.14 -31.04 -25.72
C THR C 199 7.58 -30.09 -24.61
N PHE C 200 7.66 -28.80 -24.93
CA PHE C 200 8.08 -27.82 -23.96
C PHE C 200 7.23 -27.89 -22.69
N TRP C 201 5.91 -27.86 -22.84
CA TRP C 201 5.03 -27.92 -21.68
C TRP C 201 5.02 -29.29 -21.03
N SER C 202 5.08 -30.35 -21.83
CA SER C 202 5.02 -31.68 -21.24
C SER C 202 6.30 -32.15 -20.54
N GLU C 203 7.47 -31.73 -21.01
CA GLU C 203 8.71 -32.18 -20.39
C GLU C 203 9.21 -31.31 -19.23
N SER C 204 8.64 -30.13 -19.04
CA SER C 204 9.08 -29.27 -17.94
C SER C 204 8.22 -29.49 -16.70
N LEU C 205 8.68 -28.99 -15.57
CA LEU C 205 7.95 -29.13 -14.32
C LEU C 205 6.54 -28.55 -14.53
N GLU C 206 5.54 -29.22 -13.98
CA GLU C 206 4.15 -28.79 -14.11
C GLU C 206 3.96 -27.29 -13.80
N ALA C 207 4.70 -26.77 -12.83
CA ALA C 207 4.62 -25.36 -12.44
C ALA C 207 4.78 -24.38 -13.61
N VAL C 208 5.68 -24.69 -14.54
CA VAL C 208 5.93 -23.82 -15.70
C VAL C 208 4.64 -23.64 -16.51
N ASP C 209 3.99 -24.75 -16.81
CA ASP C 209 2.75 -24.73 -17.56
C ASP C 209 1.67 -23.95 -16.80
N ILE C 210 1.51 -24.27 -15.52
CA ILE C 210 0.51 -23.61 -14.69
C ILE C 210 0.71 -22.11 -14.55
N GLU C 211 1.94 -21.65 -14.33
CA GLU C 211 2.17 -20.21 -14.21
C GLU C 211 1.86 -19.50 -15.52
N HIS C 212 2.18 -20.11 -16.67
CA HIS C 212 1.89 -19.49 -17.96
C HIS C 212 0.39 -19.43 -18.24
N ARG C 213 -0.36 -20.43 -17.80
CA ARG C 213 -1.81 -20.42 -18.00
C ARG C 213 -2.41 -19.38 -17.06
N ALA C 214 -1.86 -19.29 -15.84
CA ALA C 214 -2.35 -18.31 -14.90
C ALA C 214 -2.11 -16.87 -15.39
N ALA C 215 -0.92 -16.60 -15.91
CA ALA C 215 -0.61 -15.27 -16.39
C ALA C 215 -1.49 -14.90 -17.60
N TRP C 216 -1.71 -15.86 -18.49
CA TRP C 216 -2.54 -15.62 -19.66
C TRP C 216 -3.98 -15.25 -19.27
N LEU C 217 -4.56 -16.02 -18.36
CA LEU C 217 -5.92 -15.77 -17.92
C LEU C 217 -6.06 -14.49 -17.08
N LEU C 218 -5.08 -14.23 -16.22
CA LEU C 218 -5.13 -13.04 -15.39
C LEU C 218 -4.87 -11.77 -16.20
N ALA C 219 -4.15 -11.92 -17.31
CA ALA C 219 -3.90 -10.78 -18.19
C ALA C 219 -5.28 -10.42 -18.78
N LYS C 220 -6.04 -11.44 -19.13
CA LYS C 220 -7.38 -11.26 -19.68
C LYS C 220 -8.28 -10.64 -18.62
N GLN C 221 -8.12 -11.06 -17.36
CA GLN C 221 -8.92 -10.52 -16.28
C GLN C 221 -8.70 -9.01 -16.14
N GLU C 222 -7.44 -8.57 -16.20
CA GLU C 222 -7.12 -7.15 -16.09
C GLU C 222 -7.77 -6.37 -17.24
N ARG C 223 -7.70 -6.92 -18.45
CA ARG C 223 -8.31 -6.29 -19.62
C ARG C 223 -9.83 -6.18 -19.47
N ASN C 224 -10.46 -7.18 -18.85
CA ASN C 224 -11.90 -7.14 -18.64
C ASN C 224 -12.19 -5.98 -17.71
N GLY C 225 -11.44 -5.93 -16.61
CA GLY C 225 -11.64 -4.87 -15.63
C GLY C 225 -12.81 -5.26 -14.75
N PHE C 226 -13.05 -4.49 -13.69
CA PHE C 226 -14.16 -4.74 -12.78
C PHE C 226 -15.14 -3.58 -12.91
N PRO C 227 -16.39 -3.85 -13.34
CA PRO C 227 -17.40 -2.79 -13.47
C PRO C 227 -17.51 -2.05 -12.15
N PHE C 228 -17.43 -0.72 -12.23
CA PHE C 228 -17.43 0.13 -11.06
C PHE C 228 -18.47 1.26 -11.13
N ASP C 229 -19.20 1.45 -10.04
CA ASP C 229 -20.25 2.48 -9.97
C ASP C 229 -19.64 3.81 -9.53
N THR C 230 -19.07 4.54 -10.48
CA THR C 230 -18.43 5.82 -10.19
C THR C 230 -19.32 6.78 -9.43
N LYS C 231 -20.58 6.89 -9.87
CA LYS C 231 -21.51 7.79 -9.22
C LYS C 231 -21.73 7.43 -7.75
N ALA C 232 -21.92 6.15 -7.47
CA ALA C 232 -22.15 5.71 -6.11
C ALA C 232 -21.00 6.09 -5.21
N ILE C 233 -19.78 5.95 -5.71
CA ILE C 233 -18.61 6.27 -4.91
C ILE C 233 -18.40 7.78 -4.74
N GLU C 234 -18.78 8.57 -5.73
CA GLU C 234 -18.63 10.02 -5.62
C GLU C 234 -19.58 10.51 -4.53
N GLU C 235 -20.74 9.89 -4.45
CA GLU C 235 -21.71 10.26 -3.44
C GLU C 235 -21.22 9.82 -2.07
N LEU C 236 -20.63 8.63 -1.97
CA LEU C 236 -20.10 8.17 -0.70
C LEU C 236 -18.97 9.12 -0.29
N TYR C 237 -18.25 9.64 -1.27
CA TYR C 237 -17.17 10.57 -1.01
C TYR C 237 -17.72 11.84 -0.38
N VAL C 238 -18.84 12.33 -0.90
CA VAL C 238 -19.45 13.54 -0.35
C VAL C 238 -19.87 13.29 1.10
N GLU C 239 -20.49 12.14 1.33
CA GLU C 239 -20.94 11.75 2.66
C GLU C 239 -19.79 11.68 3.67
N LEU C 240 -18.72 10.98 3.29
CA LEU C 240 -17.57 10.80 4.16
C LEU C 240 -16.88 12.13 4.43
N ALA C 241 -16.75 12.96 3.40
CA ALA C 241 -16.11 14.25 3.55
C ALA C 241 -16.85 15.13 4.56
N ALA C 242 -18.18 15.00 4.60
CA ALA C 242 -19.01 15.77 5.52
C ALA C 242 -18.84 15.27 6.96
N ARG C 243 -18.69 13.96 7.12
CA ARG C 243 -18.51 13.40 8.44
C ARG C 243 -17.12 13.76 8.94
N ARG C 244 -16.18 13.86 8.01
CA ARG C 244 -14.81 14.22 8.36
C ARG C 244 -14.78 15.66 8.86
N SER C 245 -15.40 16.57 8.13
CA SER C 245 -15.45 17.98 8.52
C SER C 245 -16.06 18.13 9.91
N GLU C 246 -17.24 17.56 10.09
CA GLU C 246 -17.95 17.64 11.36
C GLU C 246 -17.13 17.09 12.51
N LEU C 247 -16.39 16.01 12.26
CA LEU C 247 -15.55 15.42 13.30
C LEU C 247 -14.35 16.33 13.57
N LEU C 248 -13.93 17.07 12.54
CA LEU C 248 -12.80 17.98 12.67
C LEU C 248 -13.25 19.17 13.51
N ARG C 249 -14.42 19.71 13.18
CA ARG C 249 -14.96 20.85 13.90
C ARG C 249 -15.05 20.51 15.40
N LYS C 250 -15.65 19.37 15.71
CA LYS C 250 -15.79 18.95 17.10
C LYS C 250 -14.47 18.68 17.82
N LEU C 251 -13.51 18.10 17.10
CA LEU C 251 -12.22 17.81 17.70
C LEU C 251 -11.36 19.05 17.88
N THR C 252 -11.55 20.03 17.01
CA THR C 252 -10.80 21.26 17.10
C THR C 252 -11.37 22.10 18.25
N GLU C 253 -12.62 21.87 18.59
CA GLU C 253 -13.25 22.59 19.70
C GLU C 253 -12.77 21.98 21.00
N THR C 254 -12.63 20.66 21.01
CA THR C 254 -12.17 19.95 22.19
C THR C 254 -10.67 20.14 22.47
N PHE C 255 -9.86 19.96 21.43
CA PHE C 255 -8.42 20.10 21.57
C PHE C 255 -7.96 21.33 20.82
N GLY C 256 -7.78 22.43 21.54
CA GLY C 256 -7.35 23.66 20.90
C GLY C 256 -5.96 23.61 20.29
N SER C 257 -5.65 24.61 19.47
CA SER C 257 -4.35 24.69 18.82
C SER C 257 -3.27 25.14 19.82
N TRP C 258 -2.00 24.99 19.43
CA TRP C 258 -0.89 25.37 20.30
C TRP C 258 0.32 25.81 19.47
N TYR C 259 1.42 26.13 20.15
CA TYR C 259 2.62 26.56 19.46
C TYR C 259 3.76 25.57 19.58
N GLN C 260 4.54 25.49 18.50
CA GLN C 260 5.69 24.60 18.46
C GLN C 260 6.88 25.31 17.85
N PRO C 261 8.09 25.03 18.37
CA PRO C 261 9.30 25.66 17.85
C PRO C 261 9.55 25.16 16.42
N LYS C 262 9.93 26.07 15.53
CA LYS C 262 10.18 25.69 14.14
C LYS C 262 10.99 26.73 13.39
N GLY C 263 12.05 26.28 12.72
CA GLY C 263 12.88 27.19 11.95
C GLY C 263 14.09 27.70 12.70
N GLY C 264 14.36 27.12 13.85
CA GLY C 264 15.52 27.54 14.63
C GLY C 264 16.78 27.03 13.96
N THR C 265 17.75 27.91 13.77
CA THR C 265 19.01 27.53 13.13
C THR C 265 20.16 27.42 14.11
N GLU C 266 20.31 28.43 14.96
CA GLU C 266 21.40 28.44 15.93
C GLU C 266 21.03 27.71 17.22
N MET C 267 22.03 27.05 17.80
CA MET C 267 21.90 26.31 19.05
C MET C 267 21.74 27.29 20.21
N PHE C 268 20.99 26.89 21.23
CA PHE C 268 20.80 27.74 22.41
C PHE C 268 21.89 27.43 23.42
N CYS C 269 22.57 28.47 23.91
CA CYS C 269 23.64 28.29 24.87
C CYS C 269 23.42 29.10 26.14
N HIS C 270 23.67 28.48 27.29
CA HIS C 270 23.50 29.14 28.56
C HIS C 270 24.25 30.47 28.54
N PRO C 271 23.53 31.59 28.80
CA PRO C 271 24.13 32.93 28.81
C PRO C 271 25.32 33.04 29.77
N ARG C 272 25.27 32.26 30.85
CA ARG C 272 26.32 32.26 31.86
C ARG C 272 27.56 31.48 31.38
N THR C 273 27.46 30.15 31.36
CA THR C 273 28.56 29.30 30.97
C THR C 273 28.80 29.11 29.46
N GLY C 274 27.85 29.56 28.63
CA GLY C 274 28.01 29.38 27.20
C GLY C 274 27.86 27.92 26.81
N LYS C 275 27.56 27.07 27.79
CA LYS C 275 27.39 25.65 27.55
C LYS C 275 26.20 25.39 26.62
N PRO C 276 26.42 24.64 25.54
CA PRO C 276 25.32 24.34 24.60
C PRO C 276 24.20 23.56 25.28
N LEU C 277 22.96 23.96 25.00
CA LEU C 277 21.78 23.31 25.56
C LEU C 277 20.96 22.70 24.42
N PRO C 278 21.36 21.50 23.95
CA PRO C 278 20.76 20.72 22.88
C PRO C 278 19.29 20.34 23.03
N LYS C 279 18.82 20.18 24.27
CA LYS C 279 17.43 19.81 24.51
C LYS C 279 16.48 20.99 24.30
N TYR C 280 17.00 22.20 24.49
CA TYR C 280 16.22 23.41 24.30
C TYR C 280 15.96 23.60 22.82
N PRO C 281 14.78 24.12 22.47
CA PRO C 281 14.46 24.35 21.06
C PRO C 281 15.50 25.27 20.42
N ARG C 282 15.68 25.14 19.10
CA ARG C 282 16.64 25.97 18.38
C ARG C 282 16.15 27.41 18.34
N ILE C 283 17.07 28.34 18.48
CA ILE C 283 16.75 29.75 18.46
C ILE C 283 17.27 30.39 17.19
N LYS C 284 17.14 31.70 17.10
CA LYS C 284 17.60 32.48 15.97
C LYS C 284 18.05 33.81 16.56
N THR C 285 19.23 34.29 16.14
CA THR C 285 19.75 35.56 16.64
C THR C 285 19.86 36.55 15.49
N PRO C 286 19.04 37.62 15.51
CA PRO C 286 19.09 38.61 14.43
C PRO C 286 20.39 39.41 14.43
N LYS C 287 20.90 39.70 13.24
CA LYS C 287 22.15 40.46 13.09
C LYS C 287 21.85 41.88 12.63
N VAL C 288 20.58 42.27 12.73
CA VAL C 288 20.15 43.60 12.32
C VAL C 288 18.95 44.01 13.16
N GLY C 289 18.80 45.32 13.36
CA GLY C 289 17.67 45.82 14.14
C GLY C 289 18.06 46.41 15.49
N GLY C 290 17.30 47.42 15.89
CA GLY C 290 17.53 48.07 17.16
C GLY C 290 16.29 48.81 17.60
N ILE C 291 16.38 49.51 18.72
CA ILE C 291 15.26 50.28 19.23
C ILE C 291 15.10 51.55 18.40
N PHE C 292 16.22 52.07 17.91
CA PHE C 292 16.20 53.26 17.08
C PHE C 292 16.82 52.96 15.72
N LYS C 293 16.21 53.48 14.67
CA LYS C 293 16.72 53.28 13.31
C LYS C 293 18.08 53.97 13.20
N LYS C 294 18.89 53.55 12.24
CA LYS C 294 20.21 54.13 12.04
C LYS C 294 20.15 55.64 11.87
N PRO C 295 20.91 56.39 12.69
CA PRO C 295 20.94 57.86 12.62
C PRO C 295 21.75 58.38 11.43
N LYS C 296 21.64 59.68 11.17
CA LYS C 296 22.37 60.30 10.06
C LYS C 296 22.47 61.81 10.22
N ASN C 297 23.22 62.25 11.24
CA ASN C 297 23.40 63.67 11.51
C ASN C 297 24.36 63.90 12.67
N CYS C 307 16.94 60.83 16.07
CA CYS C 307 16.93 59.38 15.69
C CYS C 307 15.51 58.79 15.78
N GLU C 308 14.98 58.39 14.62
CA GLU C 308 13.64 57.81 14.54
C GLU C 308 13.58 56.36 14.97
N LEU C 309 12.49 56.00 15.67
CA LEU C 309 12.30 54.63 16.15
C LEU C 309 12.27 53.59 15.04
N ASP C 310 12.88 52.44 15.31
CA ASP C 310 12.90 51.35 14.34
C ASP C 310 11.56 50.63 14.43
N THR C 311 10.80 50.64 13.34
CA THR C 311 9.50 50.00 13.31
C THR C 311 9.63 48.48 13.42
N ARG C 312 10.69 47.94 12.81
CA ARG C 312 10.95 46.50 12.83
C ARG C 312 10.72 45.90 14.21
N GLU C 313 10.65 44.58 14.28
CA GLU C 313 10.40 43.92 15.54
C GLU C 313 11.59 43.16 16.13
N TYR C 314 12.74 43.20 15.45
CA TYR C 314 13.89 42.48 15.97
C TYR C 314 15.00 43.39 16.48
N VAL C 315 15.86 42.83 17.31
CA VAL C 315 16.98 43.56 17.90
C VAL C 315 18.23 42.70 17.80
N ALA C 316 19.24 43.22 17.10
CA ALA C 316 20.50 42.51 16.93
C ALA C 316 20.98 41.99 18.27
N GLY C 317 21.36 40.71 18.31
CA GLY C 317 21.84 40.13 19.56
C GLY C 317 20.77 39.59 20.49
N ALA C 318 19.54 40.06 20.34
CA ALA C 318 18.44 39.60 21.19
C ALA C 318 17.83 38.34 20.56
N PRO C 319 18.16 37.16 21.09
CA PRO C 319 17.66 35.87 20.58
C PRO C 319 16.21 35.55 20.92
N TYR C 320 15.57 34.81 20.02
CA TYR C 320 14.19 34.41 20.22
C TYR C 320 13.99 33.03 19.59
N THR C 321 12.96 32.31 20.03
CA THR C 321 12.66 30.99 19.51
C THR C 321 11.52 31.10 18.50
N PRO C 322 11.83 30.95 17.20
CA PRO C 322 10.77 31.04 16.20
C PRO C 322 9.78 29.90 16.42
N VAL C 323 8.50 30.17 16.23
CA VAL C 323 7.49 29.14 16.45
C VAL C 323 6.42 29.12 15.37
N GLU C 324 5.71 27.99 15.28
CA GLU C 324 4.64 27.86 14.32
C GLU C 324 3.35 27.57 15.06
N HIS C 325 2.24 28.02 14.50
CA HIS C 325 0.95 27.76 15.12
C HIS C 325 0.46 26.45 14.51
N VAL C 326 0.03 25.53 15.34
CA VAL C 326 -0.46 24.26 14.83
C VAL C 326 -1.86 23.90 15.34
N VAL C 327 -2.70 23.42 14.42
CA VAL C 327 -4.04 23.04 14.77
C VAL C 327 -4.13 21.53 14.94
N PHE C 328 -4.91 21.09 15.93
CA PHE C 328 -5.06 19.66 16.17
C PHE C 328 -5.49 18.95 14.89
N ASN C 329 -4.71 17.94 14.51
CA ASN C 329 -5.03 17.14 13.32
C ASN C 329 -5.35 15.73 13.81
N PRO C 330 -6.61 15.31 13.65
CA PRO C 330 -7.00 13.96 14.09
C PRO C 330 -6.25 12.83 13.39
N SER C 331 -5.59 13.12 12.28
CA SER C 331 -4.83 12.09 11.55
C SER C 331 -3.40 11.95 12.09
N SER C 332 -2.98 12.87 12.95
CA SER C 332 -1.64 12.82 13.51
C SER C 332 -1.60 12.00 14.79
N ARG C 333 -0.77 10.97 14.78
CA ARG C 333 -0.60 10.10 15.94
C ARG C 333 0.11 10.90 17.02
N ASP C 334 1.01 11.80 16.59
CA ASP C 334 1.76 12.65 17.50
C ASP C 334 0.82 13.60 18.27
N HIS C 335 -0.09 14.26 17.56
CA HIS C 335 -1.03 15.17 18.20
C HIS C 335 -1.89 14.41 19.21
N ILE C 336 -2.37 13.24 18.80
CA ILE C 336 -3.21 12.43 19.66
C ILE C 336 -2.45 12.06 20.93
N GLN C 337 -1.21 11.63 20.78
CA GLN C 337 -0.37 11.26 21.91
C GLN C 337 -0.16 12.48 22.81
N LYS C 338 0.11 13.61 22.18
CA LYS C 338 0.35 14.86 22.89
C LYS C 338 -0.88 15.30 23.69
N LYS C 339 -2.03 15.33 23.04
CA LYS C 339 -3.24 15.78 23.71
C LYS C 339 -3.76 14.80 24.77
N LEU C 340 -3.61 13.50 24.53
CA LEU C 340 -4.11 12.54 25.49
C LEU C 340 -3.29 12.43 26.77
N GLN C 341 -1.96 12.53 26.66
CA GLN C 341 -1.15 12.45 27.88
C GLN C 341 -1.42 13.70 28.70
N GLU C 342 -1.57 14.84 28.05
CA GLU C 342 -1.86 16.08 28.76
C GLU C 342 -3.21 15.96 29.47
N ALA C 343 -3.94 14.89 29.16
CA ALA C 343 -5.24 14.65 29.78
C ALA C 343 -5.08 13.62 30.90
N GLY C 344 -3.86 13.14 31.08
CA GLY C 344 -3.60 12.16 32.13
C GLY C 344 -3.32 10.74 31.67
N TRP C 345 -3.15 10.55 30.37
CA TRP C 345 -2.88 9.23 29.84
C TRP C 345 -1.42 8.81 30.00
N VAL C 346 -1.20 7.59 30.48
CA VAL C 346 0.15 7.11 30.65
C VAL C 346 0.43 5.95 29.70
N PRO C 347 1.17 6.21 28.61
CA PRO C 347 1.51 5.18 27.62
C PRO C 347 2.10 3.93 28.25
N THR C 348 1.49 2.79 27.95
CA THR C 348 1.94 1.51 28.50
C THR C 348 2.82 0.75 27.51
N LYS C 349 2.79 1.17 26.25
CA LYS C 349 3.59 0.52 25.22
C LYS C 349 4.05 1.50 24.13
N TYR C 350 5.35 1.54 23.91
CA TYR C 350 5.94 2.44 22.91
C TYR C 350 6.45 1.65 21.70
N THR C 351 6.94 2.39 20.70
CA THR C 351 7.48 1.77 19.49
C THR C 351 8.99 1.78 19.67
N ASP C 352 9.70 1.03 18.83
CA ASP C 352 11.16 0.99 18.92
C ASP C 352 11.74 2.25 18.28
N LYS C 353 11.31 3.40 18.79
CA LYS C 353 11.77 4.69 18.29
C LYS C 353 11.39 5.74 19.32
N GLY C 354 10.79 5.28 20.42
CA GLY C 354 10.38 6.18 21.49
C GLY C 354 8.92 6.56 21.45
N ALA C 355 8.39 6.80 20.26
CA ALA C 355 7.00 7.17 20.10
C ALA C 355 6.07 6.15 20.75
N PRO C 356 5.06 6.64 21.50
CA PRO C 356 4.12 5.73 22.14
C PRO C 356 3.14 5.20 21.11
N VAL C 357 2.74 3.95 21.25
CA VAL C 357 1.81 3.34 20.32
C VAL C 357 0.44 3.99 20.43
N VAL C 358 -0.09 4.40 19.28
CA VAL C 358 -1.40 5.04 19.20
C VAL C 358 -2.23 4.38 18.10
N ASP C 359 -2.61 3.12 18.32
CA ASP C 359 -3.44 2.44 17.33
C ASP C 359 -4.83 2.27 17.91
N ASP C 360 -5.75 1.75 17.10
CA ASP C 360 -7.14 1.60 17.55
C ASP C 360 -7.30 0.79 18.83
N GLU C 361 -6.48 -0.25 19.00
CA GLU C 361 -6.56 -1.09 20.19
C GLU C 361 -6.19 -0.36 21.48
N VAL C 362 -5.10 0.40 21.46
CA VAL C 362 -4.69 1.14 22.65
C VAL C 362 -5.68 2.26 22.95
N LEU C 363 -6.09 2.98 21.91
CA LEU C 363 -7.05 4.07 22.07
C LEU C 363 -8.28 3.51 22.74
N GLU C 364 -8.54 2.23 22.47
CA GLU C 364 -9.68 1.54 23.04
C GLU C 364 -9.48 1.37 24.56
N GLY C 365 -8.23 1.27 24.97
CA GLY C 365 -7.92 1.10 26.38
C GLY C 365 -7.70 2.38 27.17
N VAL C 366 -7.43 3.48 26.48
CA VAL C 366 -7.19 4.77 27.12
C VAL C 366 -8.36 5.22 28.00
N ARG C 367 -8.03 5.67 29.22
CA ARG C 367 -9.01 6.14 30.19
C ARG C 367 -8.56 7.45 30.83
N VAL C 368 -9.27 8.55 30.52
CA VAL C 368 -8.93 9.86 31.08
C VAL C 368 -10.11 10.39 31.89
N ASP C 369 -9.81 11.20 32.92
CA ASP C 369 -10.82 11.77 33.81
C ASP C 369 -11.86 12.63 33.09
N ASP C 370 -11.38 13.59 32.30
CA ASP C 370 -12.27 14.48 31.57
C ASP C 370 -13.21 13.65 30.70
N PRO C 371 -14.52 13.76 30.94
CA PRO C 371 -15.50 13.00 30.16
C PRO C 371 -15.58 13.40 28.68
N GLU C 372 -15.45 14.70 28.40
CA GLU C 372 -15.50 15.15 27.01
C GLU C 372 -14.30 14.65 26.21
N LYS C 373 -13.15 14.57 26.87
CA LYS C 373 -11.93 14.09 26.20
C LYS C 373 -11.99 12.57 26.04
N GLN C 374 -12.62 11.90 26.99
CA GLN C 374 -12.76 10.45 26.92
C GLN C 374 -13.67 10.11 25.73
N ALA C 375 -14.70 10.92 25.52
CA ALA C 375 -15.63 10.70 24.41
C ALA C 375 -15.00 11.09 23.09
N ALA C 376 -14.08 12.04 23.13
CA ALA C 376 -13.40 12.50 21.93
C ALA C 376 -12.58 11.38 21.31
N ILE C 377 -12.14 10.44 22.14
CA ILE C 377 -11.35 9.32 21.66
C ILE C 377 -12.12 8.53 20.60
N ASP C 378 -13.42 8.31 20.82
CA ASP C 378 -14.22 7.59 19.84
C ASP C 378 -14.35 8.41 18.56
N LEU C 379 -14.33 9.73 18.69
CA LEU C 379 -14.44 10.58 17.52
C LEU C 379 -13.14 10.51 16.73
N ILE C 380 -12.04 10.32 17.44
CA ILE C 380 -10.74 10.21 16.81
C ILE C 380 -10.65 8.86 16.09
N LYS C 381 -11.15 7.82 16.73
CA LYS C 381 -11.13 6.49 16.13
C LYS C 381 -12.00 6.46 14.86
N GLU C 382 -13.15 7.12 14.92
CA GLU C 382 -14.03 7.18 13.75
C GLU C 382 -13.35 8.03 12.67
N TYR C 383 -12.70 9.11 13.09
CA TYR C 383 -12.02 9.98 12.14
C TYR C 383 -10.92 9.24 11.36
N LEU C 384 -10.10 8.47 12.04
CA LEU C 384 -9.02 7.72 11.40
C LEU C 384 -9.57 6.69 10.41
N MET C 385 -10.66 6.03 10.79
CA MET C 385 -11.29 5.04 9.94
C MET C 385 -11.87 5.68 8.69
N ILE C 386 -12.53 6.82 8.86
CA ILE C 386 -13.12 7.56 7.74
C ILE C 386 -12.02 8.07 6.81
N GLN C 387 -10.85 8.40 7.36
CA GLN C 387 -9.76 8.86 6.52
C GLN C 387 -9.23 7.69 5.70
N LYS C 388 -9.22 6.50 6.29
CA LYS C 388 -8.76 5.30 5.61
C LYS C 388 -9.66 5.06 4.38
N ARG C 389 -10.97 5.25 4.52
CA ARG C 389 -11.93 5.03 3.41
C ARG C 389 -11.86 6.11 2.34
N ILE C 390 -11.69 7.34 2.77
CA ILE C 390 -11.61 8.46 1.85
C ILE C 390 -10.37 8.30 1.00
N GLY C 391 -9.29 7.88 1.64
CA GLY C 391 -8.03 7.70 0.93
C GLY C 391 -8.14 6.61 -0.14
N GLN C 392 -8.71 5.49 0.25
CA GLN C 392 -8.85 4.36 -0.67
C GLN C 392 -9.87 4.62 -1.78
N SER C 393 -10.93 5.36 -1.47
CA SER C 393 -11.96 5.60 -2.47
C SER C 393 -11.78 6.84 -3.35
N ALA C 394 -11.21 7.90 -2.82
CA ALA C 394 -11.10 9.11 -3.62
C ALA C 394 -9.84 9.96 -3.58
N GLU C 395 -9.22 10.14 -2.41
CA GLU C 395 -8.07 11.03 -2.35
C GLU C 395 -6.67 10.45 -2.47
N GLY C 396 -6.51 9.17 -2.16
CA GLY C 396 -5.18 8.56 -2.24
C GLY C 396 -4.66 8.49 -3.67
N ASP C 397 -3.35 8.31 -3.81
CA ASP C 397 -2.70 8.20 -5.12
C ASP C 397 -3.32 7.06 -5.94
N LYS C 398 -3.69 5.97 -5.26
CA LYS C 398 -4.28 4.81 -5.91
C LYS C 398 -5.79 4.71 -5.66
N ALA C 399 -6.45 5.84 -5.46
CA ALA C 399 -7.88 5.85 -5.20
C ALA C 399 -8.72 5.30 -6.35
N TRP C 400 -9.83 4.65 -6.01
CA TRP C 400 -10.70 4.08 -7.03
C TRP C 400 -11.10 5.14 -8.08
N LEU C 401 -11.58 6.28 -7.60
CA LEU C 401 -12.00 7.35 -8.49
C LEU C 401 -10.90 7.84 -9.44
N ARG C 402 -9.64 7.61 -9.10
CA ARG C 402 -8.55 8.02 -9.99
C ARG C 402 -8.23 6.92 -11.00
N TYR C 403 -8.66 5.70 -10.68
CA TYR C 403 -8.39 4.56 -11.54
C TYR C 403 -9.49 4.08 -12.47
N VAL C 404 -10.74 4.50 -12.23
CA VAL C 404 -11.80 4.06 -13.12
C VAL C 404 -11.51 4.58 -14.51
N ALA C 405 -11.72 3.74 -15.52
CA ALA C 405 -11.43 4.12 -16.91
C ALA C 405 -12.68 4.53 -17.69
N GLU C 406 -12.46 4.95 -18.94
CA GLU C 406 -13.54 5.39 -19.83
C GLU C 406 -14.64 4.34 -20.02
N ASP C 407 -14.27 3.06 -19.99
CA ASP C 407 -15.26 2.00 -20.17
C ASP C 407 -16.04 1.71 -18.89
N GLY C 408 -15.85 2.57 -17.88
CA GLY C 408 -16.54 2.40 -16.61
C GLY C 408 -16.02 1.28 -15.74
N LYS C 409 -14.77 0.87 -15.95
CA LYS C 409 -14.21 -0.22 -15.17
C LYS C 409 -12.86 0.09 -14.55
N ILE C 410 -12.57 -0.55 -13.43
CA ILE C 410 -11.28 -0.40 -12.78
C ILE C 410 -10.47 -1.63 -13.20
N HIS C 411 -9.36 -1.40 -13.89
CA HIS C 411 -8.52 -2.48 -14.36
C HIS C 411 -7.33 -2.64 -13.42
N GLY C 412 -7.56 -3.30 -12.30
CA GLY C 412 -6.50 -3.51 -11.33
C GLY C 412 -5.43 -4.45 -11.85
N SER C 413 -4.19 -4.19 -11.46
CA SER C 413 -3.11 -5.05 -11.92
C SER C 413 -2.98 -6.25 -11.02
N VAL C 414 -2.45 -7.33 -11.57
CA VAL C 414 -2.25 -8.55 -10.80
C VAL C 414 -0.93 -9.18 -11.18
N ASN C 415 -0.12 -9.50 -10.16
CA ASN C 415 1.14 -10.19 -10.38
C ASN C 415 0.74 -11.62 -9.99
N PRO C 416 0.46 -12.48 -10.99
CA PRO C 416 0.04 -13.88 -10.86
C PRO C 416 0.81 -14.73 -9.88
N ASN C 417 2.04 -14.33 -9.58
CA ASN C 417 2.88 -15.10 -8.67
C ASN C 417 3.77 -14.17 -7.86
N GLY C 418 3.20 -13.06 -7.41
CA GLY C 418 3.95 -12.08 -6.64
C GLY C 418 4.40 -12.47 -5.25
N ALA C 419 3.72 -13.42 -4.61
CA ALA C 419 4.10 -13.83 -3.25
C ALA C 419 4.96 -15.09 -3.28
N VAL C 420 5.88 -15.20 -2.33
CA VAL C 420 6.77 -16.36 -2.20
C VAL C 420 6.04 -17.70 -2.20
N THR C 421 4.86 -17.73 -1.60
CA THR C 421 4.03 -18.93 -1.50
C THR C 421 3.29 -19.34 -2.78
N GLY C 422 3.30 -18.47 -3.78
CA GLY C 422 2.60 -18.81 -5.00
C GLY C 422 1.34 -18.00 -5.13
N ARG C 423 1.02 -17.24 -4.09
CA ARG C 423 -0.16 -16.39 -4.12
C ARG C 423 0.11 -15.24 -5.08
N ALA C 424 -0.95 -14.65 -5.60
CA ALA C 424 -0.82 -13.50 -6.48
C ALA C 424 -0.82 -12.25 -5.61
N THR C 425 -0.34 -11.14 -6.18
CA THR C 425 -0.34 -9.85 -5.51
C THR C 425 -1.18 -8.94 -6.39
N HIS C 426 -1.89 -7.99 -5.78
CA HIS C 426 -2.76 -7.08 -6.54
C HIS C 426 -2.42 -5.63 -6.24
N ALA C 427 -2.44 -4.78 -7.26
CA ALA C 427 -2.10 -3.38 -7.06
C ALA C 427 -2.57 -2.50 -8.20
N PHE C 428 -2.59 -1.19 -7.94
CA PHE C 428 -2.96 -0.18 -8.91
C PHE C 428 -4.38 -0.24 -9.45
N PRO C 429 -5.38 -0.28 -8.57
CA PRO C 429 -5.27 -0.30 -7.10
C PRO C 429 -5.38 -1.75 -6.67
N ASN C 430 -5.17 -2.02 -5.38
CA ASN C 430 -5.26 -3.37 -4.86
C ASN C 430 -6.73 -3.78 -4.65
N LEU C 431 -7.29 -4.51 -5.61
CA LEU C 431 -8.68 -4.93 -5.52
C LEU C 431 -8.90 -6.08 -4.54
N ALA C 432 -7.82 -6.56 -3.93
CA ALA C 432 -7.90 -7.63 -2.95
C ALA C 432 -7.86 -7.03 -1.53
N GLN C 433 -8.10 -5.73 -1.41
CA GLN C 433 -8.13 -5.07 -0.09
C GLN C 433 -9.30 -4.10 0.03
N ILE C 434 -10.37 -4.40 -0.71
CA ILE C 434 -11.60 -3.59 -0.66
C ILE C 434 -12.25 -3.93 0.68
N PRO C 435 -12.73 -2.92 1.42
CA PRO C 435 -13.36 -3.20 2.71
C PRO C 435 -14.49 -4.22 2.58
N GLY C 436 -14.54 -5.19 3.49
CA GLY C 436 -15.57 -6.21 3.45
C GLY C 436 -16.88 -5.67 3.98
N VAL C 437 -17.98 -6.36 3.69
CA VAL C 437 -19.30 -5.92 4.14
C VAL C 437 -19.46 -5.81 5.64
N ARG C 438 -18.62 -6.52 6.39
CA ARG C 438 -18.69 -6.49 7.85
C ARG C 438 -18.07 -5.21 8.46
N SER C 439 -17.23 -4.51 7.71
CA SER C 439 -16.62 -3.31 8.25
C SER C 439 -17.39 -2.06 7.83
N PRO C 440 -17.21 -0.94 8.56
CA PRO C 440 -17.90 0.32 8.26
C PRO C 440 -17.78 0.75 6.80
N TYR C 441 -18.93 1.01 6.19
CA TYR C 441 -19.03 1.42 4.80
C TYR C 441 -18.68 0.29 3.81
N GLY C 442 -18.34 -0.88 4.35
CA GLY C 442 -18.00 -2.00 3.50
C GLY C 442 -19.10 -2.33 2.50
N GLU C 443 -20.35 -2.21 2.94
CA GLU C 443 -21.49 -2.50 2.09
C GLU C 443 -21.52 -1.62 0.84
N GLN C 444 -21.28 -0.33 1.04
CA GLN C 444 -21.29 0.60 -0.09
C GLN C 444 -20.06 0.47 -0.99
N CYS C 445 -18.91 0.25 -0.39
CA CYS C 445 -17.67 0.10 -1.17
C CYS C 445 -17.82 -1.13 -2.06
N ARG C 446 -18.22 -2.21 -1.43
CA ARG C 446 -18.41 -3.49 -2.08
C ARG C 446 -19.47 -3.46 -3.18
N ALA C 447 -20.62 -2.86 -2.89
CA ALA C 447 -21.71 -2.80 -3.86
C ALA C 447 -21.31 -2.01 -5.11
N ALA C 448 -20.30 -1.16 -4.97
CA ALA C 448 -19.83 -0.35 -6.09
C ALA C 448 -19.08 -1.16 -7.13
N PHE C 449 -18.61 -2.35 -6.76
CA PHE C 449 -17.91 -3.23 -7.69
C PHE C 449 -18.88 -4.38 -8.01
N GLY C 450 -19.34 -4.46 -9.26
CA GLY C 450 -20.27 -5.52 -9.60
C GLY C 450 -20.70 -5.56 -11.05
N ALA C 451 -21.06 -6.75 -11.52
CA ALA C 451 -21.49 -6.95 -12.89
C ALA C 451 -22.67 -6.07 -13.27
N GLU C 452 -23.52 -5.76 -12.31
CA GLU C 452 -24.68 -4.92 -12.57
C GLU C 452 -24.30 -3.58 -13.17
N HIS C 453 -23.09 -3.10 -12.88
CA HIS C 453 -22.63 -1.81 -13.38
C HIS C 453 -22.16 -1.86 -14.84
N HIS C 454 -22.18 -3.04 -15.43
CA HIS C 454 -21.80 -3.17 -16.83
C HIS C 454 -23.10 -3.48 -17.61
N LEU C 455 -23.38 -2.71 -18.65
CA LEU C 455 -24.59 -2.93 -19.45
C LEU C 455 -24.17 -3.68 -20.71
N ASP C 456 -24.90 -4.74 -21.05
CA ASP C 456 -24.56 -5.53 -22.24
C ASP C 456 -24.40 -4.66 -23.48
N GLY C 457 -23.32 -4.90 -24.22
CA GLY C 457 -23.04 -4.14 -25.41
C GLY C 457 -24.15 -4.21 -26.45
N ILE C 458 -24.87 -5.34 -26.50
CA ILE C 458 -25.95 -5.51 -27.48
C ILE C 458 -27.31 -5.09 -26.93
N THR C 459 -27.73 -5.70 -25.83
CA THR C 459 -29.04 -5.42 -25.24
C THR C 459 -29.13 -4.30 -24.22
N GLY C 460 -28.00 -3.79 -23.75
CA GLY C 460 -28.05 -2.71 -22.77
C GLY C 460 -28.48 -3.21 -21.39
N LYS C 461 -28.74 -4.51 -21.28
CA LYS C 461 -29.16 -5.09 -20.00
C LYS C 461 -27.97 -5.32 -19.06
N PRO C 462 -28.15 -5.05 -17.76
CA PRO C 462 -27.06 -5.24 -16.81
C PRO C 462 -26.67 -6.71 -16.76
N TRP C 463 -25.40 -6.97 -16.43
CA TRP C 463 -24.91 -8.33 -16.31
C TRP C 463 -25.12 -8.80 -14.88
N VAL C 464 -24.96 -10.10 -14.68
CA VAL C 464 -25.12 -10.74 -13.39
C VAL C 464 -23.77 -11.25 -12.89
N GLN C 465 -23.61 -11.29 -11.57
CA GLN C 465 -22.37 -11.73 -10.98
C GLN C 465 -22.42 -13.07 -10.27
N ALA C 466 -21.38 -13.87 -10.49
CA ALA C 466 -21.27 -15.16 -9.82
C ALA C 466 -20.04 -15.08 -8.92
N GLY C 467 -20.25 -15.16 -7.61
CA GLY C 467 -19.15 -15.11 -6.68
C GLY C 467 -18.92 -16.50 -6.12
N ILE C 468 -17.70 -17.02 -6.28
CA ILE C 468 -17.40 -18.37 -5.79
C ILE C 468 -16.12 -18.43 -4.95
N ASP C 469 -16.17 -19.14 -3.83
CA ASP C 469 -15.00 -19.28 -2.99
C ASP C 469 -14.77 -20.73 -2.57
N ALA C 470 -13.51 -21.05 -2.30
CA ALA C 470 -13.12 -22.39 -1.87
C ALA C 470 -13.45 -22.48 -0.38
N SER C 471 -14.31 -23.43 -0.04
CA SER C 471 -14.75 -23.61 1.35
C SER C 471 -13.65 -24.07 2.33
N GLY C 472 -13.49 -23.31 3.41
CA GLY C 472 -12.50 -23.63 4.43
C GLY C 472 -11.25 -24.25 3.86
N LEU C 473 -10.74 -23.63 2.80
CA LEU C 473 -9.56 -24.13 2.11
C LEU C 473 -8.37 -24.43 3.01
N GLU C 474 -8.00 -23.50 3.88
CA GLU C 474 -6.85 -23.68 4.77
C GLU C 474 -6.95 -24.91 5.65
N LEU C 475 -8.10 -25.10 6.29
CA LEU C 475 -8.29 -26.25 7.16
C LEU C 475 -8.19 -27.55 6.35
N ARG C 476 -8.74 -27.53 5.15
CA ARG C 476 -8.70 -28.72 4.31
C ARG C 476 -7.27 -29.01 3.90
N CYS C 477 -6.48 -27.97 3.62
CA CYS C 477 -5.10 -28.19 3.24
C CYS C 477 -4.37 -28.78 4.44
N LEU C 478 -4.71 -28.30 5.64
CA LEU C 478 -4.11 -28.80 6.86
C LEU C 478 -4.50 -30.26 7.05
N ALA C 479 -5.77 -30.56 6.83
CA ALA C 479 -6.27 -31.92 6.96
C ALA C 479 -5.48 -32.85 6.05
N HIS C 480 -5.32 -32.44 4.79
CA HIS C 480 -4.59 -33.22 3.79
C HIS C 480 -3.17 -33.58 4.24
N PHE C 481 -2.42 -32.60 4.75
CA PHE C 481 -1.06 -32.88 5.17
C PHE C 481 -0.96 -33.72 6.45
N MET C 482 -1.99 -33.70 7.29
CA MET C 482 -1.91 -34.51 8.49
C MET C 482 -2.46 -35.91 8.25
N ALA C 483 -3.02 -36.12 7.07
CA ALA C 483 -3.58 -37.42 6.72
C ALA C 483 -2.57 -38.56 6.78
N ARG C 484 -1.30 -38.27 6.53
CA ARG C 484 -0.32 -39.34 6.57
C ARG C 484 0.06 -39.66 8.02
N PHE C 485 -0.52 -38.92 8.96
CA PHE C 485 -0.25 -39.13 10.37
C PHE C 485 -1.49 -39.55 11.15
N ASP C 486 -2.66 -39.23 10.61
CA ASP C 486 -3.92 -39.58 11.28
C ASP C 486 -4.87 -40.35 10.35
N ASN C 487 -4.39 -40.72 9.18
CA ASN C 487 -5.18 -41.47 8.21
C ASN C 487 -6.48 -40.83 7.72
N GLY C 488 -6.50 -39.51 7.61
CA GLY C 488 -7.71 -38.84 7.14
C GLY C 488 -8.73 -38.53 8.21
N GLU C 489 -8.39 -38.77 9.47
CA GLU C 489 -9.31 -38.50 10.57
C GLU C 489 -9.79 -37.05 10.56
N TYR C 490 -8.85 -36.11 10.48
CA TYR C 490 -9.19 -34.69 10.47
C TYR C 490 -10.05 -34.34 9.24
N ALA C 491 -9.67 -34.89 8.09
CA ALA C 491 -10.40 -34.65 6.85
C ALA C 491 -11.82 -35.19 6.98
N HIS C 492 -11.95 -36.34 7.64
CA HIS C 492 -13.25 -36.96 7.83
C HIS C 492 -14.14 -36.12 8.76
N GLU C 493 -13.53 -35.50 9.77
CA GLU C 493 -14.28 -34.68 10.71
C GLU C 493 -14.79 -33.38 10.08
N ILE C 494 -13.98 -32.79 9.19
CA ILE C 494 -14.35 -31.56 8.52
C ILE C 494 -15.56 -31.79 7.62
N LEU C 495 -15.50 -32.88 6.85
CA LEU C 495 -16.56 -33.24 5.91
C LEU C 495 -17.86 -33.76 6.53
N ASN C 496 -17.78 -34.40 7.70
CA ASN C 496 -18.98 -34.95 8.32
C ASN C 496 -19.27 -34.44 9.73
N GLY C 497 -18.26 -34.47 10.59
CA GLY C 497 -18.46 -33.99 11.95
C GLY C 497 -18.38 -32.48 12.05
N ASP C 498 -17.81 -32.00 13.15
CA ASP C 498 -17.66 -30.55 13.34
C ASP C 498 -16.25 -30.24 13.81
N ILE C 499 -15.35 -30.09 12.85
CA ILE C 499 -13.95 -29.80 13.11
C ILE C 499 -13.75 -28.70 14.15
N HIS C 500 -14.65 -27.71 14.16
CA HIS C 500 -14.54 -26.61 15.12
C HIS C 500 -14.79 -27.07 16.55
N THR C 501 -15.87 -27.82 16.77
CA THR C 501 -16.18 -28.31 18.11
C THR C 501 -15.00 -29.16 18.57
N LYS C 502 -14.56 -30.07 17.70
CA LYS C 502 -13.44 -30.95 18.01
C LYS C 502 -12.24 -30.13 18.46
N ASN C 503 -11.95 -29.04 17.75
CA ASN C 503 -10.83 -28.19 18.12
C ASN C 503 -11.12 -27.48 19.44
N GLN C 504 -12.40 -27.26 19.73
CA GLN C 504 -12.79 -26.60 20.97
C GLN C 504 -12.53 -27.55 22.14
N ILE C 505 -12.59 -28.84 21.87
CA ILE C 505 -12.34 -29.85 22.90
C ILE C 505 -10.84 -30.11 23.05
N ALA C 506 -10.14 -30.18 21.92
CA ALA C 506 -8.70 -30.42 21.93
C ALA C 506 -8.03 -29.28 22.69
N ALA C 507 -8.47 -28.06 22.39
CA ALA C 507 -7.95 -26.88 23.04
C ALA C 507 -8.98 -26.53 24.11
N GLU C 508 -8.60 -26.68 25.39
CA GLU C 508 -9.53 -26.38 26.48
C GLU C 508 -9.98 -24.93 26.40
N LEU C 509 -10.92 -24.67 25.49
CA LEU C 509 -11.46 -23.33 25.29
C LEU C 509 -12.97 -23.38 25.54
N PRO C 510 -13.54 -22.27 26.04
CA PRO C 510 -14.97 -22.15 26.34
C PRO C 510 -15.91 -22.34 25.15
N THR C 511 -16.22 -21.23 24.47
CA THR C 511 -17.13 -21.28 23.33
C THR C 511 -16.59 -22.00 22.11
N ARG C 512 -17.49 -22.39 21.22
CA ARG C 512 -17.13 -23.08 20.00
C ARG C 512 -16.56 -22.07 19.00
N ASP C 513 -17.00 -20.83 19.12
CA ASP C 513 -16.52 -19.78 18.22
C ASP C 513 -15.08 -19.41 18.55
N ASN C 514 -14.71 -19.52 19.82
CA ASN C 514 -13.35 -19.19 20.23
C ASN C 514 -12.40 -20.04 19.39
N ALA C 515 -12.67 -21.34 19.32
CA ALA C 515 -11.84 -22.25 18.53
C ALA C 515 -11.90 -21.85 17.06
N LYS C 516 -13.11 -21.51 16.62
CA LYS C 516 -13.34 -21.11 15.23
C LYS C 516 -12.53 -19.87 14.89
N THR C 517 -12.03 -19.21 15.93
CA THR C 517 -11.22 -18.01 15.76
C THR C 517 -9.76 -18.38 16.06
N PHE C 518 -9.60 -19.38 16.90
CA PHE C 518 -8.28 -19.87 17.29
C PHE C 518 -7.57 -20.53 16.11
N ILE C 519 -8.23 -21.53 15.52
CA ILE C 519 -7.64 -22.25 14.40
C ILE C 519 -7.14 -21.32 13.29
N TYR C 520 -7.99 -20.41 12.84
CA TYR C 520 -7.59 -19.47 11.79
C TYR C 520 -6.43 -18.61 12.28
N GLY C 521 -6.36 -18.42 13.60
CA GLY C 521 -5.28 -17.64 14.13
C GLY C 521 -4.04 -18.49 14.06
N PHE C 522 -4.26 -19.80 14.22
CA PHE C 522 -3.18 -20.79 14.18
C PHE C 522 -2.59 -20.92 12.78
N LEU C 523 -3.47 -21.10 11.80
CA LEU C 523 -3.06 -21.25 10.41
C LEU C 523 -2.44 -19.96 9.86
N TYR C 524 -3.18 -18.86 9.95
CA TYR C 524 -2.72 -17.57 9.46
C TYR C 524 -1.66 -16.92 10.34
N GLY C 525 -1.03 -17.72 11.19
CA GLY C 525 0.01 -17.18 12.08
C GLY C 525 -0.50 -16.09 13.00
N ALA C 526 -0.11 -16.16 14.27
CA ALA C 526 -0.53 -15.17 15.25
C ALA C 526 0.11 -15.47 16.60
N GLY C 527 0.82 -14.50 17.16
CA GLY C 527 1.48 -14.67 18.44
C GLY C 527 0.51 -15.09 19.54
N ASP C 528 1.06 -15.51 20.68
CA ASP C 528 0.24 -15.94 21.81
C ASP C 528 -0.62 -14.78 22.30
N GLU C 529 -0.25 -13.57 21.91
CA GLU C 529 -0.99 -12.37 22.31
C GLU C 529 -2.44 -12.47 21.82
N LYS C 530 -2.64 -12.20 20.54
CA LYS C 530 -3.98 -12.27 19.93
C LYS C 530 -4.61 -13.64 20.24
N ILE C 531 -3.77 -14.65 20.39
CA ILE C 531 -4.23 -16.00 20.70
C ILE C 531 -4.95 -15.99 22.05
N GLY C 532 -4.20 -15.69 23.10
CA GLY C 532 -4.79 -15.63 24.42
C GLY C 532 -5.84 -14.54 24.53
N GLN C 533 -5.77 -13.57 23.62
CA GLN C 533 -6.71 -12.46 23.60
C GLN C 533 -8.15 -12.91 23.36
N ILE C 534 -8.35 -14.21 23.18
CA ILE C 534 -9.68 -14.77 22.96
C ILE C 534 -10.14 -15.35 24.29
N VAL C 535 -9.17 -15.76 25.11
CA VAL C 535 -9.45 -16.33 26.42
C VAL C 535 -9.20 -15.29 27.51
N GLY C 536 -9.54 -14.04 27.22
CA GLY C 536 -9.35 -12.97 28.18
C GLY C 536 -7.90 -12.61 28.41
N ALA C 537 -7.07 -13.61 28.69
CA ALA C 537 -5.65 -13.40 28.95
C ALA C 537 -4.93 -12.76 27.76
N GLY C 538 -3.61 -12.95 27.72
CA GLY C 538 -2.81 -12.42 26.64
C GLY C 538 -1.93 -13.53 26.10
N LYS C 539 -0.66 -13.22 25.88
CA LYS C 539 0.27 -14.23 25.39
C LYS C 539 0.52 -15.22 26.52
N GLU C 540 -0.10 -14.95 27.67
CA GLU C 540 0.03 -15.81 28.85
C GLU C 540 -0.64 -17.15 28.60
N ARG C 541 -1.95 -17.21 28.83
CA ARG C 541 -2.71 -18.44 28.62
C ARG C 541 -2.58 -18.85 27.14
N GLY C 542 -2.17 -17.90 26.31
CA GLY C 542 -2.00 -18.17 24.89
C GLY C 542 -1.03 -19.31 24.68
N LYS C 543 0.15 -19.21 25.29
CA LYS C 543 1.16 -20.25 25.19
C LYS C 543 0.58 -21.57 25.68
N GLU C 544 -0.22 -21.49 26.75
CA GLU C 544 -0.85 -22.68 27.32
C GLU C 544 -1.87 -23.28 26.36
N LEU C 545 -2.66 -22.41 25.72
CA LEU C 545 -3.70 -22.83 24.78
C LEU C 545 -3.16 -23.55 23.55
N LYS C 546 -2.23 -22.90 22.84
CA LYS C 546 -1.64 -23.47 21.63
C LYS C 546 -0.87 -24.76 21.92
N LYS C 547 -0.62 -25.02 23.20
CA LYS C 547 0.10 -26.22 23.60
C LYS C 547 -0.89 -27.35 23.91
N LYS C 548 -1.95 -27.02 24.64
CA LYS C 548 -2.96 -28.01 24.98
C LYS C 548 -3.64 -28.53 23.71
N PHE C 549 -3.69 -27.66 22.70
CA PHE C 549 -4.30 -28.02 21.42
C PHE C 549 -3.44 -29.10 20.78
N LEU C 550 -2.20 -28.74 20.47
CA LEU C 550 -1.25 -29.67 19.87
C LEU C 550 -1.24 -30.97 20.65
N GLU C 551 -1.25 -30.86 21.96
CA GLU C 551 -1.24 -32.03 22.84
C GLU C 551 -2.38 -32.99 22.50
N ASN C 552 -3.55 -32.43 22.19
CA ASN C 552 -4.72 -33.23 21.87
C ASN C 552 -4.89 -33.47 20.37
N THR C 553 -3.92 -33.04 19.58
CA THR C 553 -3.96 -33.22 18.12
C THR C 553 -2.54 -33.54 17.67
N PRO C 554 -2.02 -34.71 18.08
CA PRO C 554 -0.66 -35.15 17.73
C PRO C 554 -0.29 -35.18 16.24
N ALA C 555 -1.27 -35.39 15.37
CA ALA C 555 -0.97 -35.42 13.93
C ALA C 555 -0.34 -34.11 13.47
N ILE C 556 -0.82 -33.00 14.02
CA ILE C 556 -0.27 -31.69 13.67
C ILE C 556 1.16 -31.56 14.18
N ALA C 557 1.42 -32.15 15.35
CA ALA C 557 2.76 -32.10 15.94
C ALA C 557 3.71 -32.94 15.09
N ALA C 558 3.23 -34.10 14.65
CA ALA C 558 4.04 -34.98 13.81
C ALA C 558 4.39 -34.23 12.52
N LEU C 559 3.37 -33.62 11.92
CA LEU C 559 3.54 -32.85 10.69
C LEU C 559 4.62 -31.79 10.87
N ARG C 560 4.45 -30.93 11.87
CA ARG C 560 5.42 -29.88 12.14
C ARG C 560 6.83 -30.46 12.26
N GLU C 561 6.95 -31.55 13.02
CA GLU C 561 8.24 -32.21 13.20
C GLU C 561 8.82 -32.75 11.90
N SER C 562 7.99 -33.31 11.02
CA SER C 562 8.49 -33.84 9.76
C SER C 562 8.99 -32.70 8.87
N ILE C 563 8.35 -31.55 8.93
CA ILE C 563 8.76 -30.38 8.16
C ILE C 563 10.14 -29.92 8.64
N GLN C 564 10.30 -29.85 9.96
CA GLN C 564 11.57 -29.45 10.57
C GLN C 564 12.71 -30.36 10.11
N GLN C 565 12.54 -31.65 10.28
CA GLN C 565 13.53 -32.64 9.89
C GLN C 565 14.02 -32.44 8.47
N THR C 566 13.08 -32.13 7.57
CA THR C 566 13.43 -31.91 6.17
C THR C 566 14.24 -30.64 5.92
N LEU C 567 13.95 -29.57 6.67
CA LEU C 567 14.64 -28.30 6.48
C LEU C 567 15.88 -28.07 7.35
N VAL C 568 15.76 -28.35 8.65
CA VAL C 568 16.85 -28.15 9.60
C VAL C 568 17.55 -29.44 10.02
N GLU C 569 18.84 -29.53 9.74
CA GLU C 569 19.61 -30.72 10.08
C GLU C 569 20.20 -30.64 11.50
N LYS C 581 22.67 -23.98 9.33
CA LYS C 581 21.45 -24.34 10.10
C LYS C 581 20.42 -25.05 9.21
N TRP C 582 20.52 -24.84 7.89
CA TRP C 582 19.58 -25.48 6.96
C TRP C 582 20.18 -26.65 6.18
N LYS C 583 19.32 -27.54 5.74
CA LYS C 583 19.72 -28.68 4.93
C LYS C 583 19.14 -28.34 3.54
N ARG C 584 18.13 -27.48 3.57
CA ARG C 584 17.43 -27.02 2.38
C ARG C 584 16.51 -25.87 2.82
N ARG C 585 16.64 -24.70 2.20
CA ARG C 585 15.81 -23.56 2.58
C ARG C 585 14.50 -23.45 1.81
N TRP C 586 14.10 -24.53 1.15
CA TRP C 586 12.84 -24.51 0.42
C TRP C 586 12.04 -25.77 0.65
N ILE C 587 10.76 -25.69 0.31
CA ILE C 587 9.85 -26.81 0.47
C ILE C 587 9.17 -27.00 -0.89
N LYS C 588 8.92 -28.25 -1.25
CA LYS C 588 8.30 -28.59 -2.52
C LYS C 588 6.80 -28.31 -2.56
N GLY C 589 6.36 -27.54 -3.55
CA GLY C 589 4.95 -27.21 -3.65
C GLY C 589 4.16 -28.30 -4.34
N LEU C 590 2.85 -28.16 -4.38
CA LEU C 590 1.99 -29.16 -5.01
C LEU C 590 2.34 -29.45 -6.45
N ASP C 591 2.80 -28.44 -7.19
CA ASP C 591 3.14 -28.67 -8.58
C ASP C 591 4.64 -28.86 -8.78
N GLY C 592 5.34 -29.17 -7.70
CA GLY C 592 6.77 -29.42 -7.77
C GLY C 592 7.71 -28.24 -7.61
N ARG C 593 7.20 -27.02 -7.66
CA ARG C 593 8.08 -25.86 -7.54
C ARG C 593 8.74 -25.76 -6.17
N LYS C 594 9.80 -24.96 -6.12
CA LYS C 594 10.52 -24.73 -4.87
C LYS C 594 9.82 -23.58 -4.18
N VAL C 595 9.51 -23.75 -2.90
CA VAL C 595 8.89 -22.67 -2.15
C VAL C 595 9.83 -22.26 -1.03
N HIS C 596 10.53 -21.16 -1.24
CA HIS C 596 11.47 -20.64 -0.26
C HIS C 596 10.84 -20.49 1.12
N VAL C 597 11.58 -20.91 2.14
CA VAL C 597 11.12 -20.82 3.52
C VAL C 597 11.94 -19.75 4.22
N ARG C 598 11.26 -18.69 4.65
CA ARG C 598 11.92 -17.58 5.32
C ARG C 598 12.40 -17.92 6.72
N SER C 599 11.60 -18.66 7.48
CA SER C 599 12.00 -19.06 8.83
C SER C 599 11.41 -20.43 9.21
N PRO C 600 12.14 -21.17 10.06
CA PRO C 600 11.71 -22.50 10.52
C PRO C 600 10.36 -22.55 11.21
N HIS C 601 10.03 -21.51 11.96
CA HIS C 601 8.76 -21.48 12.66
C HIS C 601 7.59 -21.19 11.73
N ALA C 602 7.86 -20.57 10.59
CA ALA C 602 6.81 -20.25 9.63
C ALA C 602 6.69 -21.32 8.54
N ALA C 603 7.45 -22.40 8.69
CA ALA C 603 7.47 -23.49 7.72
C ALA C 603 6.12 -24.15 7.45
N LEU C 604 5.39 -24.50 8.49
CA LEU C 604 4.09 -25.14 8.31
C LEU C 604 3.15 -24.19 7.58
N ASN C 605 3.16 -22.93 7.97
CA ASN C 605 2.31 -21.92 7.36
C ASN C 605 2.64 -21.72 5.89
N THR C 606 3.92 -21.67 5.57
CA THR C 606 4.35 -21.50 4.18
C THR C 606 3.82 -22.66 3.36
N LEU C 607 3.87 -23.86 3.95
CA LEU C 607 3.39 -25.06 3.27
C LEU C 607 1.89 -25.00 3.01
N LEU C 608 1.12 -24.63 4.03
CA LEU C 608 -0.32 -24.56 3.92
C LEU C 608 -0.81 -23.44 3.00
N GLN C 609 -0.19 -22.26 3.12
CA GLN C 609 -0.58 -21.13 2.28
C GLN C 609 -0.25 -21.43 0.83
N SER C 610 0.86 -22.13 0.61
CA SER C 610 1.27 -22.46 -0.74
C SER C 610 0.32 -23.46 -1.41
N ALA C 611 -0.14 -24.44 -0.64
CA ALA C 611 -1.05 -25.44 -1.18
C ALA C 611 -2.34 -24.75 -1.55
N GLY C 612 -2.87 -23.92 -0.64
CA GLY C 612 -4.09 -23.21 -0.93
C GLY C 612 -3.89 -22.34 -2.17
N ALA C 613 -2.77 -21.62 -2.23
CA ALA C 613 -2.49 -20.75 -3.36
C ALA C 613 -2.45 -21.52 -4.67
N LEU C 614 -1.70 -22.61 -4.71
CA LEU C 614 -1.58 -23.40 -5.94
C LEU C 614 -2.88 -24.11 -6.30
N ILE C 615 -3.64 -24.52 -5.29
CA ILE C 615 -4.92 -25.17 -5.53
C ILE C 615 -5.84 -24.13 -6.16
N CYS C 616 -5.88 -22.94 -5.59
CA CYS C 616 -6.74 -21.89 -6.13
C CYS C 616 -6.34 -21.42 -7.53
N LYS C 617 -5.05 -21.44 -7.80
CA LYS C 617 -4.55 -21.02 -9.10
C LYS C 617 -4.98 -22.02 -10.17
N LEU C 618 -4.74 -23.30 -9.94
CA LEU C 618 -5.14 -24.33 -10.91
C LEU C 618 -6.65 -24.33 -11.04
N TRP C 619 -7.33 -24.10 -9.94
CA TRP C 619 -8.79 -24.07 -9.93
C TRP C 619 -9.41 -23.02 -10.86
N ILE C 620 -8.95 -21.78 -10.78
CA ILE C 620 -9.51 -20.76 -11.64
C ILE C 620 -9.11 -21.02 -13.09
N ILE C 621 -7.96 -21.65 -13.29
CA ILE C 621 -7.53 -21.97 -14.64
C ILE C 621 -8.44 -23.05 -15.23
N LYS C 622 -8.65 -24.11 -14.46
CA LYS C 622 -9.49 -25.21 -14.92
C LYS C 622 -10.95 -24.79 -15.06
N THR C 623 -11.39 -23.82 -14.25
CA THR C 623 -12.77 -23.36 -14.34
C THR C 623 -12.98 -22.66 -15.69
N GLU C 624 -12.11 -21.72 -16.02
CA GLU C 624 -12.23 -21.00 -17.28
C GLU C 624 -12.14 -21.99 -18.44
N GLU C 625 -11.20 -22.94 -18.37
CA GLU C 625 -11.04 -23.92 -19.44
C GLU C 625 -12.30 -24.77 -19.64
N MET C 626 -12.94 -25.17 -18.55
CA MET C 626 -14.16 -25.97 -18.68
C MET C 626 -15.29 -25.14 -19.28
N LEU C 627 -15.34 -23.84 -18.94
CA LEU C 627 -16.37 -22.96 -19.46
C LEU C 627 -16.24 -22.82 -20.97
N VAL C 628 -15.01 -22.62 -21.43
CA VAL C 628 -14.72 -22.46 -22.85
C VAL C 628 -14.96 -23.77 -23.61
N GLU C 629 -14.74 -24.91 -22.96
CA GLU C 629 -14.96 -26.18 -23.64
C GLU C 629 -16.46 -26.42 -23.73
N LYS C 630 -17.23 -25.80 -22.84
CA LYS C 630 -18.68 -25.94 -22.87
C LYS C 630 -19.29 -24.97 -23.88
N GLY C 631 -18.43 -24.27 -24.62
CA GLY C 631 -18.92 -23.34 -25.62
C GLY C 631 -19.08 -21.87 -25.22
N LEU C 632 -18.91 -21.54 -23.93
CA LEU C 632 -19.06 -20.16 -23.48
C LEU C 632 -17.85 -19.31 -23.88
N LYS C 633 -18.11 -18.04 -24.18
CA LYS C 633 -17.06 -17.13 -24.61
C LYS C 633 -16.61 -16.17 -23.51
N HIS C 634 -15.30 -16.07 -23.32
CA HIS C 634 -14.73 -15.19 -22.30
C HIS C 634 -14.57 -13.77 -22.82
N GLY C 635 -15.40 -12.86 -22.33
CA GLY C 635 -15.31 -11.47 -22.74
C GLY C 635 -16.63 -10.71 -22.59
N TRP C 636 -16.56 -9.39 -22.57
CA TRP C 636 -17.77 -8.59 -22.45
C TRP C 636 -18.61 -8.76 -23.72
N ASP C 637 -17.94 -9.17 -24.80
CA ASP C 637 -18.60 -9.40 -26.07
C ASP C 637 -18.98 -10.89 -26.16
N GLY C 638 -18.96 -11.56 -25.01
CA GLY C 638 -19.28 -12.97 -24.98
C GLY C 638 -20.32 -13.37 -23.97
N ASP C 639 -20.00 -14.38 -23.16
CA ASP C 639 -20.93 -14.89 -22.15
C ASP C 639 -20.50 -14.61 -20.69
N PHE C 640 -19.18 -14.62 -20.43
CA PHE C 640 -18.69 -14.35 -19.08
C PHE C 640 -17.37 -13.58 -19.07
N ALA C 641 -17.04 -13.00 -17.92
CA ALA C 641 -15.82 -12.23 -17.77
C ALA C 641 -15.29 -12.27 -16.33
N TYR C 642 -14.05 -12.74 -16.18
CA TYR C 642 -13.40 -12.80 -14.88
C TYR C 642 -13.16 -11.34 -14.48
N MET C 643 -13.59 -10.95 -13.29
CA MET C 643 -13.40 -9.57 -12.87
C MET C 643 -12.37 -9.48 -11.76
N ALA C 644 -12.35 -10.50 -10.91
CA ALA C 644 -11.40 -10.49 -9.81
C ALA C 644 -11.11 -11.85 -9.21
N TRP C 645 -9.88 -12.01 -8.76
CA TRP C 645 -9.43 -13.23 -8.12
C TRP C 645 -8.74 -12.79 -6.84
N VAL C 646 -9.40 -13.00 -5.71
CA VAL C 646 -8.85 -12.60 -4.43
C VAL C 646 -8.50 -13.78 -3.55
N HIS C 647 -7.39 -14.42 -3.91
CA HIS C 647 -6.84 -15.57 -3.19
C HIS C 647 -7.60 -16.89 -3.27
N ASP C 648 -8.73 -16.99 -2.58
CA ASP C 648 -9.51 -18.22 -2.58
C ASP C 648 -10.94 -17.97 -3.06
N GLU C 649 -11.12 -16.88 -3.81
CA GLU C 649 -12.43 -16.49 -4.29
C GLU C 649 -12.34 -15.81 -5.66
N ILE C 650 -13.37 -16.00 -6.48
CA ILE C 650 -13.42 -15.36 -7.77
C ILE C 650 -14.77 -14.70 -8.00
N GLN C 651 -14.74 -13.55 -8.66
CA GLN C 651 -15.96 -12.82 -8.98
C GLN C 651 -16.01 -12.79 -10.50
N VAL C 652 -17.06 -13.40 -11.05
CA VAL C 652 -17.22 -13.49 -12.48
C VAL C 652 -18.49 -12.84 -12.99
N GLY C 653 -18.34 -11.99 -14.01
CA GLY C 653 -19.51 -11.35 -14.58
C GLY C 653 -20.13 -12.31 -15.60
N CYS C 654 -21.45 -12.36 -15.65
CA CYS C 654 -22.15 -13.26 -16.58
C CYS C 654 -23.25 -12.49 -17.35
N ARG C 655 -23.39 -12.78 -18.64
CA ARG C 655 -24.40 -12.09 -19.45
C ARG C 655 -25.81 -12.42 -18.97
N THR C 656 -26.01 -13.62 -18.44
CA THR C 656 -27.33 -14.03 -17.97
C THR C 656 -27.26 -14.82 -16.67
N GLU C 657 -28.43 -14.95 -16.04
CA GLU C 657 -28.61 -15.68 -14.80
C GLU C 657 -28.28 -17.14 -15.03
N GLU C 658 -28.74 -17.67 -16.17
CA GLU C 658 -28.48 -19.06 -16.51
C GLU C 658 -26.98 -19.29 -16.62
N ILE C 659 -26.28 -18.36 -17.25
CA ILE C 659 -24.83 -18.49 -17.40
C ILE C 659 -24.16 -18.47 -16.03
N ALA C 660 -24.63 -17.61 -15.14
CA ALA C 660 -24.06 -17.54 -13.81
C ALA C 660 -24.22 -18.88 -13.11
N GLN C 661 -25.36 -19.53 -13.34
CA GLN C 661 -25.61 -20.84 -12.73
C GLN C 661 -24.58 -21.82 -13.23
N VAL C 662 -24.32 -21.78 -14.54
CA VAL C 662 -23.35 -22.68 -15.14
C VAL C 662 -21.93 -22.43 -14.63
N VAL C 663 -21.58 -21.16 -14.43
CA VAL C 663 -20.24 -20.81 -13.93
C VAL C 663 -20.05 -21.36 -12.52
N ILE C 664 -21.09 -21.24 -11.70
CA ILE C 664 -21.06 -21.71 -10.33
C ILE C 664 -20.90 -23.23 -10.25
N GLU C 665 -21.67 -23.95 -11.06
CA GLU C 665 -21.61 -25.40 -11.06
C GLU C 665 -20.30 -25.89 -11.66
N THR C 666 -19.81 -25.17 -12.66
CA THR C 666 -18.57 -25.52 -13.32
C THR C 666 -17.38 -25.30 -12.40
N ALA C 667 -17.43 -24.24 -11.61
CA ALA C 667 -16.36 -23.94 -10.67
C ALA C 667 -16.27 -25.08 -9.64
N GLN C 668 -17.43 -25.56 -9.20
CA GLN C 668 -17.48 -26.66 -8.25
C GLN C 668 -16.84 -27.89 -8.90
N GLU C 669 -17.20 -28.15 -10.15
CA GLU C 669 -16.65 -29.29 -10.87
C GLU C 669 -15.12 -29.16 -11.00
N ALA C 670 -14.66 -27.96 -11.31
CA ALA C 670 -13.22 -27.73 -11.48
C ALA C 670 -12.44 -27.96 -10.19
N MET C 671 -13.02 -27.57 -9.06
CA MET C 671 -12.39 -27.75 -7.78
C MET C 671 -12.21 -29.24 -7.49
N ARG C 672 -13.25 -30.03 -7.76
CA ARG C 672 -13.18 -31.47 -7.53
C ARG C 672 -12.06 -32.02 -8.40
N TRP C 673 -12.01 -31.58 -9.65
CA TRP C 673 -10.98 -32.01 -10.60
C TRP C 673 -9.57 -31.73 -10.03
N VAL C 674 -9.39 -30.54 -9.47
CA VAL C 674 -8.09 -30.18 -8.90
C VAL C 674 -7.75 -31.10 -7.73
N GLY C 675 -8.72 -31.36 -6.87
CA GLY C 675 -8.49 -32.24 -5.73
C GLY C 675 -8.08 -33.63 -6.18
N ASP C 676 -8.75 -34.13 -7.20
CA ASP C 676 -8.43 -35.45 -7.72
C ASP C 676 -7.07 -35.43 -8.41
N HIS C 677 -6.81 -34.36 -9.13
CA HIS C 677 -5.55 -34.19 -9.87
C HIS C 677 -4.29 -34.28 -9.00
N TRP C 678 -4.36 -33.75 -7.79
CA TRP C 678 -3.20 -33.80 -6.91
C TRP C 678 -3.38 -34.79 -5.78
N ASN C 679 -4.26 -35.76 -5.99
CA ASN C 679 -4.53 -36.81 -5.01
C ASN C 679 -4.65 -36.25 -3.60
N PHE C 680 -5.48 -35.22 -3.44
CA PHE C 680 -5.65 -34.59 -2.13
C PHE C 680 -6.42 -35.48 -1.15
N ARG C 681 -5.88 -35.63 0.07
CA ARG C 681 -6.47 -36.47 1.10
C ARG C 681 -7.71 -35.86 1.77
N CYS C 682 -8.05 -34.63 1.40
CA CYS C 682 -9.24 -34.01 1.94
C CYS C 682 -10.09 -33.52 0.76
N LEU C 683 -11.38 -33.85 0.77
CA LEU C 683 -12.27 -33.43 -0.29
C LEU C 683 -12.37 -31.90 -0.34
N LEU C 684 -12.24 -31.34 -1.53
CA LEU C 684 -12.31 -29.89 -1.71
C LEU C 684 -13.66 -29.46 -2.25
N ASP C 685 -14.15 -28.31 -1.80
CA ASP C 685 -15.44 -27.81 -2.26
C ASP C 685 -15.46 -26.31 -2.47
N THR C 686 -16.55 -25.85 -3.07
CA THR C 686 -16.76 -24.43 -3.33
C THR C 686 -18.23 -24.08 -3.07
N GLU C 687 -18.47 -22.82 -2.72
CA GLU C 687 -19.81 -22.34 -2.48
C GLU C 687 -19.94 -21.14 -3.41
N GLY C 688 -21.05 -21.06 -4.14
CA GLY C 688 -21.23 -19.96 -5.06
C GLY C 688 -22.49 -19.19 -4.74
N LYS C 689 -22.54 -17.93 -5.15
CA LYS C 689 -23.70 -17.08 -4.94
C LYS C 689 -23.85 -16.14 -6.12
N MET C 690 -25.08 -15.97 -6.57
CA MET C 690 -25.39 -15.12 -7.70
C MET C 690 -26.03 -13.81 -7.22
N GLY C 691 -25.70 -12.72 -7.89
CA GLY C 691 -26.25 -11.43 -7.50
C GLY C 691 -25.77 -10.34 -8.43
N PRO C 692 -26.09 -9.07 -8.14
CA PRO C 692 -25.67 -7.96 -9.00
C PRO C 692 -24.29 -7.38 -8.70
N ASN C 693 -23.80 -7.56 -7.48
CA ASN C 693 -22.50 -6.99 -7.12
C ASN C 693 -21.71 -7.75 -6.05
N TRP C 694 -20.55 -7.23 -5.71
CA TRP C 694 -19.68 -7.87 -4.73
C TRP C 694 -20.24 -7.88 -3.31
N ALA C 695 -21.04 -6.88 -2.97
CA ALA C 695 -21.64 -6.85 -1.64
C ALA C 695 -22.55 -8.07 -1.45
N ILE C 696 -23.41 -8.30 -2.44
CA ILE C 696 -24.35 -9.41 -2.36
C ILE C 696 -23.69 -10.77 -2.61
N CYS C 697 -22.65 -10.80 -3.41
CA CYS C 697 -21.98 -12.06 -3.70
C CYS C 697 -20.85 -12.42 -2.74
N HIS C 698 -21.07 -12.18 -1.44
CA HIS C 698 -20.09 -12.47 -0.40
C HIS C 698 -20.47 -11.79 0.91
N LYS D 3 4.85 41.90 41.45
CA LYS D 3 4.18 43.08 40.82
C LYS D 3 3.77 42.82 39.37
N ILE D 4 4.06 41.63 38.86
CA ILE D 4 3.71 41.30 37.48
C ILE D 4 2.31 40.69 37.39
N ILE D 5 1.54 41.12 36.41
CA ILE D 5 0.20 40.60 36.20
C ILE D 5 0.22 39.36 35.32
N HIS D 6 -0.20 38.24 35.89
CA HIS D 6 -0.26 36.98 35.15
C HIS D 6 -1.64 36.86 34.52
N LEU D 7 -1.69 36.96 33.19
CA LEU D 7 -2.94 36.91 32.44
C LEU D 7 -3.42 35.50 32.10
N THR D 8 -4.66 35.43 31.61
CA THR D 8 -5.27 34.17 31.17
C THR D 8 -6.02 34.56 29.90
N ASP D 9 -6.40 33.60 29.09
CA ASP D 9 -7.14 33.90 27.87
C ASP D 9 -8.42 34.67 28.17
N ASP D 10 -9.14 34.24 29.21
CA ASP D 10 -10.41 34.87 29.55
C ASP D 10 -10.31 36.21 30.26
N SER D 11 -9.15 36.52 30.84
CA SER D 11 -9.01 37.80 31.51
C SER D 11 -8.30 38.83 30.63
N PHE D 12 -7.79 38.38 29.49
CA PHE D 12 -7.05 39.27 28.61
C PHE D 12 -7.78 40.55 28.21
N ASP D 13 -8.98 40.41 27.69
CA ASP D 13 -9.74 41.58 27.25
C ASP D 13 -9.84 42.71 28.26
N THR D 14 -10.28 42.41 29.48
CA THR D 14 -10.42 43.45 30.50
C THR D 14 -9.10 43.93 31.10
N ASP D 15 -8.18 43.01 31.38
CA ASP D 15 -6.89 43.38 31.96
C ASP D 15 -5.98 44.16 31.01
N VAL D 16 -6.06 43.87 29.72
CA VAL D 16 -5.21 44.53 28.74
C VAL D 16 -5.89 45.54 27.84
N LEU D 17 -6.85 45.07 27.05
CA LEU D 17 -7.55 45.92 26.09
C LEU D 17 -8.45 47.02 26.65
N LYS D 18 -9.05 46.79 27.82
CA LYS D 18 -9.91 47.80 28.41
C LYS D 18 -9.20 48.54 29.53
N ALA D 19 -7.94 48.21 29.76
CA ALA D 19 -7.19 48.85 30.83
C ALA D 19 -6.78 50.31 30.52
N ASP D 20 -6.49 51.05 31.57
CA ASP D 20 -6.06 52.44 31.44
C ASP D 20 -4.55 52.42 31.65
N GLY D 21 -3.82 53.14 30.80
CA GLY D 21 -2.37 53.17 30.93
C GLY D 21 -1.66 52.17 30.03
N ALA D 22 -0.34 52.28 30.01
CA ALA D 22 0.51 51.42 29.19
C ALA D 22 0.68 50.05 29.81
N ILE D 23 0.51 49.02 28.99
CA ILE D 23 0.65 47.64 29.45
C ILE D 23 1.61 46.86 28.56
N LEU D 24 2.66 46.31 29.17
CA LEU D 24 3.62 45.52 28.40
C LEU D 24 3.32 44.04 28.63
N VAL D 25 2.89 43.37 27.56
CA VAL D 25 2.56 41.95 27.63
C VAL D 25 3.68 41.06 27.07
N ASP D 26 4.06 40.05 27.84
CA ASP D 26 5.09 39.12 27.43
C ASP D 26 4.51 37.72 27.10
N PHE D 27 4.47 37.38 25.81
CA PHE D 27 3.97 36.08 25.39
C PHE D 27 5.15 35.12 25.53
N TRP D 28 5.00 34.12 26.38
CA TRP D 28 6.08 33.18 26.65
C TRP D 28 5.67 31.73 26.84
N ALA D 29 6.68 30.86 26.86
CA ALA D 29 6.48 29.43 27.05
C ALA D 29 7.63 28.91 27.91
N GLU D 30 7.33 27.96 28.78
CA GLU D 30 8.33 27.40 29.68
C GLU D 30 9.49 26.71 28.97
N TRP D 31 9.25 26.20 27.77
CA TRP D 31 10.30 25.49 27.01
C TRP D 31 11.18 26.36 26.12
N CYS D 32 11.06 27.67 26.25
CA CYS D 32 11.85 28.59 25.44
C CYS D 32 13.01 29.17 26.26
N GLY D 33 14.23 28.99 25.78
CA GLY D 33 15.40 29.51 26.47
C GLY D 33 15.38 31.02 26.58
N PRO D 34 15.20 31.73 25.45
CA PRO D 34 15.18 33.20 25.47
C PRO D 34 14.13 33.77 26.45
N CYS D 35 12.97 33.11 26.54
CA CYS D 35 11.93 33.56 27.45
C CYS D 35 12.43 33.54 28.89
N LYS D 36 13.17 32.49 29.23
CA LYS D 36 13.70 32.37 30.58
C LYS D 36 14.77 33.42 30.82
N MET D 37 15.39 33.89 29.74
CA MET D 37 16.41 34.92 29.84
C MET D 37 15.84 36.29 30.17
N ILE D 38 14.74 36.65 29.52
CA ILE D 38 14.15 37.96 29.77
C ILE D 38 13.27 38.01 31.02
N ALA D 39 12.84 36.84 31.50
CA ALA D 39 11.98 36.78 32.69
C ALA D 39 12.51 37.62 33.86
N PRO D 40 13.76 37.39 34.29
CA PRO D 40 14.33 38.18 35.40
C PRO D 40 14.29 39.67 35.09
N ILE D 41 14.64 40.00 33.85
CA ILE D 41 14.66 41.39 33.41
C ILE D 41 13.30 42.04 33.63
N LEU D 42 12.23 41.32 33.28
CA LEU D 42 10.89 41.84 33.45
C LEU D 42 10.53 42.10 34.91
N ASP D 43 10.98 41.23 35.81
CA ASP D 43 10.71 41.41 37.24
C ASP D 43 11.24 42.77 37.67
N GLU D 44 12.48 43.08 37.31
CA GLU D 44 13.12 44.34 37.66
C GLU D 44 12.45 45.52 36.97
N ILE D 45 11.90 45.30 35.78
CA ILE D 45 11.23 46.36 35.06
C ILE D 45 9.91 46.71 35.73
N ALA D 46 9.24 45.71 36.29
CA ALA D 46 7.96 45.94 36.97
C ALA D 46 8.19 46.74 38.25
N ASP D 47 9.31 46.48 38.93
CA ASP D 47 9.65 47.20 40.15
C ASP D 47 10.07 48.65 39.89
N GLU D 48 10.56 48.92 38.68
CA GLU D 48 11.02 50.25 38.31
C GLU D 48 9.97 51.15 37.68
N TYR D 49 9.19 50.60 36.76
CA TYR D 49 8.19 51.39 36.06
C TYR D 49 6.81 51.44 36.70
N GLN D 50 6.73 51.20 38.00
CA GLN D 50 5.45 51.24 38.70
C GLN D 50 4.87 52.64 38.59
N GLY D 51 3.57 52.73 38.34
CA GLY D 51 2.94 54.04 38.24
C GLY D 51 3.01 54.66 36.86
N LYS D 52 3.75 54.04 35.95
CA LYS D 52 3.86 54.56 34.59
C LYS D 52 3.50 53.47 33.59
N LEU D 53 3.76 52.22 33.98
CA LEU D 53 3.48 51.08 33.12
C LEU D 53 3.33 49.78 33.91
N THR D 54 2.46 48.91 33.42
CA THR D 54 2.23 47.62 34.05
C THR D 54 2.75 46.48 33.18
N VAL D 55 3.52 45.58 33.78
CA VAL D 55 4.07 44.43 33.07
C VAL D 55 3.15 43.23 33.27
N ALA D 56 2.75 42.59 32.18
CA ALA D 56 1.88 41.42 32.23
C ALA D 56 2.42 40.27 31.40
N LYS D 57 2.16 39.05 31.86
CA LYS D 57 2.64 37.87 31.15
C LYS D 57 1.52 36.90 30.78
N LEU D 58 1.67 36.32 29.59
CA LEU D 58 0.70 35.35 29.10
C LEU D 58 1.45 34.12 28.58
N ASN D 59 1.35 33.02 29.32
CA ASN D 59 1.98 31.77 28.92
C ASN D 59 1.13 31.17 27.80
N ILE D 60 1.68 31.09 26.59
CA ILE D 60 0.92 30.57 25.45
C ILE D 60 0.51 29.09 25.45
N ASP D 61 0.99 28.31 26.41
CA ASP D 61 0.57 26.91 26.46
C ASP D 61 -0.68 26.77 27.33
N GLN D 62 -0.77 27.60 28.36
CA GLN D 62 -1.91 27.55 29.24
C GLN D 62 -3.06 28.38 28.69
N ASN D 63 -2.73 29.37 27.86
CA ASN D 63 -3.70 30.27 27.24
C ASN D 63 -3.38 30.33 25.76
N PRO D 64 -3.88 29.36 24.97
CA PRO D 64 -3.63 29.29 23.53
C PRO D 64 -4.51 30.09 22.57
N GLY D 65 -5.52 30.78 23.08
CA GLY D 65 -6.39 31.52 22.18
C GLY D 65 -5.99 32.94 21.82
N THR D 66 -5.20 33.57 22.69
CA THR D 66 -4.81 34.96 22.45
C THR D 66 -3.67 35.22 21.47
N ALA D 67 -2.54 34.53 21.65
CA ALA D 67 -1.39 34.72 20.76
C ALA D 67 -1.75 34.71 19.27
N PRO D 68 -2.50 33.70 18.81
CA PRO D 68 -2.87 33.61 17.39
C PRO D 68 -3.43 34.89 16.82
N LYS D 69 -4.27 35.58 17.60
CA LYS D 69 -4.89 36.82 17.18
C LYS D 69 -3.90 37.94 16.88
N TYR D 70 -2.67 37.81 17.35
CA TYR D 70 -1.64 38.83 17.12
C TYR D 70 -0.50 38.38 16.22
N GLY D 71 -0.69 37.24 15.56
CA GLY D 71 0.32 36.73 14.65
C GLY D 71 1.70 36.42 15.21
N ILE D 72 1.78 36.00 16.46
CA ILE D 72 3.05 35.67 17.06
C ILE D 72 3.74 34.58 16.23
N ARG D 73 5.02 34.81 15.90
CA ARG D 73 5.81 33.85 15.12
C ARG D 73 7.09 33.51 15.86
N GLY D 74 7.31 34.18 16.99
CA GLY D 74 8.50 33.94 17.80
C GLY D 74 8.30 34.37 19.24
N ILE D 75 9.08 33.78 20.16
CA ILE D 75 8.96 34.16 21.55
C ILE D 75 10.35 34.27 22.16
N PRO D 76 10.49 35.08 23.23
CA PRO D 76 9.37 35.83 23.81
C PRO D 76 8.97 37.01 22.96
N THR D 77 7.67 37.30 22.91
CA THR D 77 7.17 38.45 22.17
C THR D 77 6.64 39.47 23.16
N LEU D 78 7.04 40.73 22.98
CA LEU D 78 6.61 41.79 23.87
C LEU D 78 5.70 42.76 23.14
N LEU D 79 4.49 42.93 23.64
CA LEU D 79 3.54 43.85 23.04
C LEU D 79 3.21 44.95 24.06
N LEU D 80 3.41 46.20 23.64
CA LEU D 80 3.12 47.33 24.50
C LEU D 80 1.75 47.84 24.05
N PHE D 81 0.75 47.73 24.92
CA PHE D 81 -0.61 48.17 24.58
C PHE D 81 -0.94 49.52 25.18
N LYS D 82 -1.65 50.33 24.40
CA LYS D 82 -2.10 51.65 24.85
C LYS D 82 -3.54 51.79 24.39
N ASN D 83 -4.44 51.98 25.35
CA ASN D 83 -5.87 52.11 25.06
C ASN D 83 -6.45 51.04 24.13
N GLY D 84 -6.19 49.78 24.47
CA GLY D 84 -6.72 48.67 23.70
C GLY D 84 -6.10 48.36 22.35
N GLU D 85 -4.95 48.95 22.06
CA GLU D 85 -4.29 48.68 20.78
C GLU D 85 -2.78 48.54 20.94
N VAL D 86 -2.17 47.77 20.05
CA VAL D 86 -0.73 47.56 20.10
C VAL D 86 -0.01 48.79 19.58
N ALA D 87 0.75 49.43 20.47
CA ALA D 87 1.51 50.63 20.11
C ALA D 87 2.85 50.24 19.51
N ALA D 88 3.54 49.30 20.15
CA ALA D 88 4.84 48.84 19.70
C ALA D 88 5.01 47.35 19.95
N THR D 89 5.93 46.74 19.22
CA THR D 89 6.20 45.32 19.36
C THR D 89 7.63 44.92 19.05
N LYS D 90 8.23 44.16 19.97
CA LYS D 90 9.59 43.66 19.84
C LYS D 90 9.61 42.18 20.19
N VAL D 91 10.47 41.44 19.50
CA VAL D 91 10.60 40.01 19.72
C VAL D 91 12.04 39.71 20.10
N GLY D 92 12.23 38.79 21.03
CA GLY D 92 13.58 38.44 21.43
C GLY D 92 13.92 38.84 22.86
N ALA D 93 14.91 38.17 23.43
CA ALA D 93 15.32 38.45 24.79
C ALA D 93 16.15 39.73 24.91
N LEU D 94 15.46 40.88 24.87
CA LEU D 94 16.13 42.16 24.99
C LEU D 94 16.85 42.23 26.32
N SER D 95 17.93 43.00 26.37
CA SER D 95 18.68 43.17 27.61
C SER D 95 17.91 44.21 28.41
N LYS D 96 18.24 44.32 29.69
CA LYS D 96 17.56 45.30 30.54
C LYS D 96 17.73 46.69 29.91
N GLY D 97 18.95 46.99 29.48
CA GLY D 97 19.21 48.29 28.87
C GLY D 97 18.36 48.55 27.64
N GLN D 98 18.24 47.56 26.77
CA GLN D 98 17.46 47.69 25.54
C GLN D 98 15.96 47.84 25.82
N LEU D 99 15.49 47.25 26.91
CA LEU D 99 14.08 47.35 27.25
C LEU D 99 13.74 48.76 27.70
N LYS D 100 14.61 49.34 28.54
CA LYS D 100 14.39 50.69 29.04
C LYS D 100 14.27 51.68 27.90
N GLU D 101 15.14 51.54 26.90
CA GLU D 101 15.10 52.45 25.75
C GLU D 101 13.78 52.26 25.04
N PHE D 102 13.39 50.99 24.86
CA PHE D 102 12.15 50.66 24.21
C PHE D 102 10.98 51.28 24.97
N LEU D 103 10.96 51.07 26.28
CA LEU D 103 9.91 51.61 27.13
C LEU D 103 9.93 53.15 27.14
N ASP D 104 11.05 53.72 27.58
CA ASP D 104 11.19 55.17 27.63
C ASP D 104 10.80 55.84 26.31
N ALA D 105 11.21 55.26 25.20
CA ALA D 105 10.92 55.81 23.88
C ALA D 105 9.46 55.74 23.48
N ASN D 106 8.79 54.65 23.86
CA ASN D 106 7.38 54.48 23.50
C ASN D 106 6.41 54.99 24.56
N LEU D 107 6.90 55.09 25.79
CA LEU D 107 6.09 55.57 26.91
C LEU D 107 5.86 57.08 26.81
#